data_7PF6
#
_entry.id   7PF6
#
_cell.length_a   1.00
_cell.length_b   1.00
_cell.length_c   1.00
_cell.angle_alpha   90.00
_cell.angle_beta   90.00
_cell.angle_gamma   90.00
#
_symmetry.space_group_name_H-M   'P 1'
#
loop_
_entity.id
_entity.type
_entity.pdbx_description
1 polymer 'Histone H3.2'
2 polymer 'Histone H4'
3 polymer 'Histone H2A type 1-B/E'
4 polymer 'Histone H2B type 1-K'
5 polymer 'DNA (167-MER)'
6 polymer 'DNA (167-MER)'
7 polymer 'Histone H1.4'
#
loop_
_entity_poly.entity_id
_entity_poly.type
_entity_poly.pdbx_seq_one_letter_code
_entity_poly.pdbx_strand_id
1 'polypeptide(L)'
;MARTKQTARKSTGGKAPRKQLATKAARKSAPATGGVKKPHRYRPGTVALREIRRYQKSTELLIRKLPFQRLVREIAQDFK
TDLRFQSSAVMALQEASEAYLVGLFEDTNLAAIHAKRVTIMPKDIQLARRIRGERA
;
A,E
2 'polypeptide(L)'
;MSGRGKGGKGLGKGGAKRHRKVLRDNIQGITKPAIRRLARRGGVKRISGLIYEETRGVLKVFLENVIRDAVTYTEHAKRK
TVTAMDVVYALKRQGRTLYGFGG
;
B,F
3 'polypeptide(L)'
;HHHHHHENLYFQSNAPWMSGRGKQGGKARAKAKTRSSRAGLQFPVGRVHRLLRKGNYSERVGAGAPVYLAAVLEYLTAEI
LELAGNAARDNKKTRIIPRHLQLAIRNDEELNKLLGRVTIAQGGVLPNIQAVLLPKKTESHHKAKGK
;
C,G
4 'polypeptide(L)'
;MPEPAKSAPAPKKGSKKAVTKAQKKDGKKRKRSRKESYSVYVYKVLKQVHPDTGISSKAMGIMNSFVNDIFERIAGEASR
LAHYNKRSTITSREIQTAVRLLLPGELAKHAVSEGTKAVTKYTSAK
;
D,H
5 'polydeoxyribonucleotide'
;(DC)(DA)(DC)(DT)(DG)(DG)(DC)(DC)(DG)(DC)(DC)(DT)(DG)(DG)(DA)(DG)(DA)(DA)(DT)(DC)
(DC)(DC)(DG)(DG)(DT)(DG)(DC)(DC)(DG)(DA)(DG)(DG)(DC)(DC)(DG)(DC)(DT)(DC)(DA)(DA)
(DT)(DT)(DG)(DG)(DT)(DC)(DG)(DT)(DA)(DG)(DA)(DC)(DA)(DG)(DC)(DT)(DC)(DT)(DA)(DG)
(DC)(DA)(DC)(DC)(DG)(DC)(DT)(DT)(DA)(DA)(DA)(DC)(DG)(DC)(DA)(DC)(DG)(DT)(DA)(DC)
(DG)(DC)(DG)(DC)(DT)(DG)(DT)(DC)(DC)(DC)(DC)(DC)(DG)(DC)(DG)(DT)(DT)(DT)(DT)(DA)
(DA)(DC)(DC)(DG)(DC)(DC)(DA)(DA)(DG)(DG)(DG)(DG)(DA)(DT)(DT)(DA)(DC)(DT)(DC)(DC)
(DC)(DT)(DA)(DG)(DT)(DC)(DT)(DC)(DC)(DA)(DG)(DG)(DC)(DA)(DC)(DG)(DT)(DG)(DT)(DC)
(DA)(DG)(DA)(DT)(DA)(DT)(DA)(DT)(DA)(DC)(DA)(DT)(DC)(DC)(DT)(DG)(DT)(DC)(DA)(DT)
(DG)(DT)(DA)(DA)(DG)(DT)(DA)
;
I
6 'polydeoxyribonucleotide'
;(DT)(DA)(DC)(DT)(DT)(DA)(DC)(DA)(DT)(DG)(DA)(DC)(DA)(DG)(DG)(DA)(DT)(DG)(DT)(DA)
(DT)(DA)(DT)(DA)(DT)(DC)(DT)(DG)(DA)(DC)(DA)(DC)(DG)(DT)(DG)(DC)(DC)(DT)(DG)(DG)
(DA)(DG)(DA)(DC)(DT)(DA)(DG)(DG)(DG)(DA)(DG)(DT)(DA)(DA)(DT)(DC)(DC)(DC)(DC)(DT)
(DT)(DG)(DG)(DC)(DG)(DG)(DT)(DT)(DA)(DA)(DA)(DA)(DC)(DG)(DC)(DG)(DG)(DG)(DG)(DG)
(DA)(DC)(DA)(DG)(DC)(DG)(DC)(DG)(DT)(DA)(DC)(DG)(DT)(DG)(DC)(DG)(DT)(DT)(DT)(DA)
(DA)(DG)(DC)(DG)(DG)(DT)(DG)(DC)(DT)(DA)(DG)(DA)(DG)(DC)(DT)(DG)(DT)(DC)(DT)(DA)
(DC)(DG)(DA)(DC)(DC)(DA)(DA)(DT)(DT)(DG)(DA)(DG)(DC)(DG)(DG)(DC)(DC)(DT)(DC)(DG)
(DG)(DC)(DA)(DC)(DC)(DG)(DG)(DG)(DA)(DT)(DT)(DC)(DT)(DC)(DC)(DA)(DG)(DG)(DC)(DG)
(DG)(DC)(DC)(DA)(DG)(DT)(DG)
;
J
7 'polypeptide(L)'
;SETAPAAPAAPAPAEKTPVKKKARKSAGAAKRKASGPPVSELITKAVAASKERSGVSLAALKKALAAAGYDVEKNNSRIK
LGLKSLVSKGTLVQTKGTGASGSFKLNKKAASGEAKPKAKKAGAAKAKKPAGAAKKPKKATGAATPKKSAKKTPKKAKKP
AAAAGAKKAKSPKKAKAAKPKKAPKSPAKAKAVKPKAAKPKTAKPKAAKPKKAAAKKK
;
U
#
# COMPACT_ATOMS: atom_id res chain seq x y z
N LYS A 38 51.33 -5.26 17.11
CA LYS A 38 50.05 -5.96 17.01
C LYS A 38 49.28 -5.51 15.77
N PRO A 39 48.57 -6.44 15.13
CA PRO A 39 47.82 -6.10 13.92
C PRO A 39 46.68 -5.15 14.22
N HIS A 40 46.36 -4.33 13.24
CA HIS A 40 45.42 -3.25 13.46
C HIS A 40 43.98 -3.75 13.42
N ARG A 41 43.15 -3.19 14.30
CA ARG A 41 41.78 -3.67 14.47
C ARG A 41 40.87 -2.49 14.72
N TYR A 42 39.83 -2.33 13.91
CA TYR A 42 38.88 -1.24 14.10
C TYR A 42 37.82 -1.60 15.11
N ARG A 43 37.23 -0.58 15.73
CA ARG A 43 36.17 -0.72 16.72
C ARG A 43 34.92 -1.33 16.10
N PRO A 44 34.11 -2.04 16.88
CA PRO A 44 32.90 -2.66 16.32
C PRO A 44 31.90 -1.61 15.84
N GLY A 45 31.63 -1.64 14.54
CA GLY A 45 30.69 -0.73 13.93
C GLY A 45 31.26 0.10 12.80
N THR A 46 32.50 0.58 12.91
CA THR A 46 32.99 1.50 11.88
C THR A 46 33.31 0.77 10.59
N VAL A 47 33.57 -0.54 10.67
CA VAL A 47 33.67 -1.32 9.45
C VAL A 47 32.29 -1.45 8.82
N ALA A 48 31.25 -1.56 9.64
CA ALA A 48 29.88 -1.61 9.14
C ALA A 48 29.51 -0.31 8.44
N LEU A 49 29.83 0.85 9.06
CA LEU A 49 29.57 2.11 8.39
C LEU A 49 30.44 2.31 7.16
N ARG A 50 31.66 1.74 7.17
CA ARG A 50 32.46 1.75 5.94
C ARG A 50 31.74 0.98 4.84
N GLU A 51 31.14 -0.15 5.20
CA GLU A 51 30.33 -0.92 4.26
C GLU A 51 29.12 -0.13 3.81
N ILE A 52 28.51 0.62 4.73
CA ILE A 52 27.35 1.46 4.41
C ILE A 52 27.72 2.48 3.34
N ARG A 53 28.80 3.22 3.58
CA ARG A 53 29.22 4.24 2.64
C ARG A 53 29.63 3.61 1.30
N ARG A 54 30.33 2.48 1.37
CA ARG A 54 30.81 1.79 0.17
C ARG A 54 29.66 1.23 -0.64
N TYR A 55 28.62 0.76 0.01
CA TYR A 55 27.59 0.03 -0.72
C TYR A 55 26.47 0.92 -1.18
N GLN A 56 26.14 1.98 -0.44
CA GLN A 56 25.39 3.08 -1.03
C GLN A 56 26.13 3.82 -2.13
N LYS A 57 27.46 3.84 -2.17
CA LYS A 57 28.03 4.33 -3.42
C LYS A 57 28.07 3.24 -4.48
N SER A 58 27.95 1.98 -4.07
CA SER A 58 27.94 0.86 -5.01
C SER A 58 26.56 0.71 -5.64
N THR A 59 26.53 0.00 -6.77
CA THR A 59 25.30 -0.38 -7.42
C THR A 59 25.19 -1.87 -7.68
N GLU A 60 26.22 -2.66 -7.38
CA GLU A 60 26.33 -4.03 -7.86
C GLU A 60 25.41 -4.96 -7.07
N LEU A 61 24.92 -6.00 -7.75
CA LEU A 61 23.96 -6.94 -7.18
C LEU A 61 24.59 -7.80 -6.09
N LEU A 62 24.10 -7.64 -4.87
CA LEU A 62 24.71 -8.22 -3.68
C LEU A 62 24.39 -9.68 -3.47
N ILE A 63 23.34 -10.19 -4.10
CA ILE A 63 22.99 -11.59 -3.98
C ILE A 63 23.74 -12.40 -5.02
N ARG A 64 24.32 -13.51 -4.57
CA ARG A 64 25.09 -14.39 -5.44
C ARG A 64 24.17 -14.98 -6.50
N LYS A 65 24.60 -14.92 -7.76
CA LYS A 65 23.71 -15.18 -8.88
C LYS A 65 23.27 -16.65 -8.94
N LEU A 66 24.23 -17.57 -8.87
CA LEU A 66 23.90 -18.98 -9.07
C LEU A 66 23.01 -19.57 -7.98
N PRO A 67 23.26 -19.38 -6.67
CA PRO A 67 22.31 -19.92 -5.69
C PRO A 67 20.97 -19.20 -5.69
N PHE A 68 20.92 -17.93 -6.08
CA PHE A 68 19.64 -17.26 -6.25
C PHE A 68 18.85 -17.91 -7.38
N GLN A 69 19.52 -18.23 -8.48
CA GLN A 69 18.88 -18.94 -9.58
C GLN A 69 18.40 -20.31 -9.14
N ARG A 70 19.22 -20.98 -8.33
CA ARG A 70 18.84 -22.28 -7.78
C ARG A 70 17.62 -22.17 -6.87
N LEU A 71 17.54 -21.10 -6.08
CA LEU A 71 16.39 -20.92 -5.19
C LEU A 71 15.13 -20.59 -5.96
N VAL A 72 15.25 -19.78 -7.03
CA VAL A 72 14.10 -19.48 -7.86
C VAL A 72 13.57 -20.75 -8.53
N ARG A 73 14.49 -21.58 -9.06
CA ARG A 73 14.07 -22.84 -9.64
C ARG A 73 13.47 -23.78 -8.59
N GLU A 74 14.02 -23.76 -7.37
CA GLU A 74 13.52 -24.64 -6.32
C GLU A 74 12.12 -24.24 -5.86
N ILE A 75 11.89 -22.94 -5.74
CA ILE A 75 10.57 -22.44 -5.36
C ILE A 75 9.56 -22.73 -6.46
N ALA A 76 9.95 -22.51 -7.71
CA ALA A 76 9.02 -22.70 -8.82
C ALA A 76 8.70 -24.16 -9.05
N GLN A 77 9.66 -25.06 -8.82
CA GLN A 77 9.41 -26.49 -8.96
C GLN A 77 8.41 -26.99 -7.94
N ASP A 78 8.31 -26.33 -6.79
CA ASP A 78 7.30 -26.66 -5.80
C ASP A 78 5.90 -26.41 -6.31
N PHE A 79 5.72 -25.44 -7.20
CA PHE A 79 4.40 -25.09 -7.71
C PHE A 79 4.11 -25.75 -9.05
N LYS A 80 4.95 -25.52 -10.05
CA LYS A 80 4.77 -26.14 -11.35
C LYS A 80 6.08 -26.79 -11.77
N THR A 81 6.00 -28.00 -12.31
CA THR A 81 7.19 -28.79 -12.57
C THR A 81 7.89 -28.32 -13.85
N ASP A 82 9.17 -28.70 -13.95
CA ASP A 82 10.01 -28.57 -15.14
C ASP A 82 10.11 -27.11 -15.60
N LEU A 83 10.20 -26.18 -14.66
CA LEU A 83 10.20 -24.77 -15.04
C LEU A 83 11.60 -24.30 -15.41
N ARG A 84 11.71 -23.66 -16.56
CA ARG A 84 12.94 -23.06 -17.03
C ARG A 84 12.84 -21.55 -16.88
N PHE A 85 13.95 -20.93 -16.49
CA PHE A 85 13.99 -19.51 -16.23
C PHE A 85 14.98 -18.83 -17.17
N GLN A 86 14.54 -17.75 -17.80
CA GLN A 86 15.43 -16.92 -18.58
C GLN A 86 16.44 -16.27 -17.64
N SER A 87 17.67 -16.10 -18.13
CA SER A 87 18.72 -15.50 -17.31
C SER A 87 18.35 -14.07 -16.91
N SER A 88 17.79 -13.31 -17.85
CA SER A 88 17.28 -11.98 -17.53
C SER A 88 16.14 -12.02 -16.54
N ALA A 89 15.32 -13.08 -16.57
CA ALA A 89 14.25 -13.21 -15.59
C ALA A 89 14.81 -13.44 -14.19
N VAL A 90 15.85 -14.27 -14.09
CA VAL A 90 16.53 -14.47 -12.81
C VAL A 90 17.15 -13.15 -12.34
N MET A 91 17.70 -12.37 -13.28
CA MET A 91 18.21 -11.04 -12.93
C MET A 91 17.12 -10.15 -12.39
N ALA A 92 16.01 -10.00 -13.11
CA ALA A 92 14.93 -9.10 -12.71
C ALA A 92 14.35 -9.50 -11.37
N LEU A 93 14.28 -10.82 -11.13
CA LEU A 93 13.97 -11.29 -9.79
C LEU A 93 15.03 -10.89 -8.79
N GLN A 94 16.30 -10.80 -9.21
CA GLN A 94 17.33 -10.44 -8.25
C GLN A 94 17.24 -8.97 -7.85
N GLU A 95 17.03 -8.05 -8.81
CA GLU A 95 16.78 -6.67 -8.38
C GLU A 95 15.45 -6.54 -7.66
N ALA A 96 14.46 -7.38 -7.99
CA ALA A 96 13.20 -7.37 -7.27
C ALA A 96 13.41 -7.71 -5.79
N SER A 97 14.08 -8.82 -5.54
CA SER A 97 14.36 -9.25 -4.18
C SER A 97 15.25 -8.25 -3.46
N GLU A 98 16.27 -7.73 -4.16
CA GLU A 98 17.21 -6.81 -3.55
C GLU A 98 16.52 -5.52 -3.15
N ALA A 99 15.74 -4.92 -4.05
CA ALA A 99 15.10 -3.65 -3.76
C ALA A 99 13.99 -3.81 -2.72
N TYR A 100 13.21 -4.89 -2.82
CA TYR A 100 12.18 -5.16 -1.82
C TYR A 100 12.79 -5.33 -0.44
N LEU A 101 13.89 -6.09 -0.37
CA LEU A 101 14.49 -6.35 0.93
C LEU A 101 15.17 -5.10 1.49
N VAL A 102 15.84 -4.30 0.66
CA VAL A 102 16.51 -3.12 1.21
C VAL A 102 15.48 -2.05 1.57
N GLY A 103 14.36 -2.00 0.85
CA GLY A 103 13.27 -1.13 1.27
C GLY A 103 12.72 -1.54 2.62
N LEU A 104 12.48 -2.85 2.79
CA LEU A 104 12.03 -3.35 4.09
C LEU A 104 13.10 -3.15 5.16
N PHE A 105 14.37 -3.10 4.76
CA PHE A 105 15.44 -2.90 5.74
C PHE A 105 15.53 -1.45 6.20
N GLU A 106 15.37 -0.49 5.28
CA GLU A 106 15.20 0.90 5.69
C GLU A 106 13.98 1.05 6.59
N ASP A 107 12.92 0.31 6.27
CA ASP A 107 11.70 0.34 7.06
C ASP A 107 11.95 -0.17 8.48
N THR A 108 12.70 -1.26 8.60
CA THR A 108 13.01 -1.81 9.92
C THR A 108 14.00 -0.92 10.65
N ASN A 109 14.86 -0.22 9.93
CA ASN A 109 15.78 0.70 10.60
C ASN A 109 15.02 1.89 11.16
N LEU A 110 13.98 2.33 10.44
CA LEU A 110 13.07 3.33 10.98
C LEU A 110 12.36 2.80 12.22
N ALA A 111 11.94 1.53 12.18
CA ALA A 111 11.34 0.91 13.35
C ALA A 111 12.32 0.82 14.51
N ALA A 112 13.60 0.59 14.21
CA ALA A 112 14.60 0.46 15.26
C ALA A 112 14.91 1.81 15.90
N ILE A 113 15.02 2.86 15.09
CA ILE A 113 15.31 4.18 15.65
C ILE A 113 14.06 4.73 16.32
N HIS A 114 12.88 4.20 15.97
CA HIS A 114 11.74 4.38 16.84
C HIS A 114 11.98 3.73 18.20
N ALA A 115 12.48 2.49 18.19
CA ALA A 115 12.60 1.71 19.40
C ALA A 115 13.88 1.97 20.17
N LYS A 116 14.55 3.11 19.91
CA LYS A 116 15.79 3.53 20.55
C LYS A 116 16.92 2.52 20.33
N ARG A 117 16.81 1.71 19.29
CA ARG A 117 17.77 0.66 19.00
C ARG A 117 18.47 0.94 17.68
N VAL A 118 19.60 0.27 17.49
CA VAL A 118 20.31 0.30 16.21
C VAL A 118 20.41 -1.08 15.59
N THR A 119 20.31 -2.14 16.38
CA THR A 119 20.28 -3.50 15.88
C THR A 119 18.82 -3.88 15.65
N ILE A 120 18.47 -4.15 14.39
CA ILE A 120 17.09 -4.49 14.07
C ILE A 120 16.80 -5.92 14.54
N MET A 121 15.53 -6.20 14.76
CA MET A 121 15.07 -7.48 15.29
C MET A 121 13.98 -8.03 14.40
N PRO A 122 13.68 -9.33 14.50
CA PRO A 122 12.53 -9.88 13.75
C PRO A 122 11.21 -9.21 14.06
N LYS A 123 11.02 -8.69 15.28
CA LYS A 123 9.77 -8.00 15.58
C LYS A 123 9.66 -6.68 14.83
N ASP A 124 10.79 -6.02 14.52
CA ASP A 124 10.74 -4.85 13.64
C ASP A 124 10.26 -5.27 12.26
N ILE A 125 10.72 -6.41 11.78
CA ILE A 125 10.31 -6.90 10.47
C ILE A 125 8.83 -7.23 10.48
N GLN A 126 8.36 -7.90 11.54
CA GLN A 126 6.94 -8.20 11.68
C GLN A 126 6.10 -6.94 11.80
N LEU A 127 6.62 -5.91 12.45
CA LEU A 127 5.93 -4.63 12.53
C LEU A 127 5.78 -4.01 11.16
N ALA A 128 6.86 -4.01 10.38
CA ALA A 128 6.79 -3.47 9.03
C ALA A 128 5.81 -4.25 8.17
N ARG A 129 5.83 -5.58 8.32
CA ARG A 129 4.87 -6.43 7.61
C ARG A 129 3.43 -6.12 8.01
N ARG A 130 3.20 -5.88 9.31
CA ARG A 130 1.83 -5.64 9.77
C ARG A 130 1.34 -4.26 9.36
N ILE A 131 2.17 -3.23 9.51
CA ILE A 131 1.70 -1.86 9.26
C ILE A 131 1.68 -1.58 7.77
N ARG A 132 2.52 -2.26 6.99
CA ARG A 132 2.38 -2.22 5.54
C ARG A 132 1.16 -2.97 5.07
N GLY A 133 0.68 -3.93 5.86
CA GLY A 133 -0.54 -4.64 5.52
C GLY A 133 -0.35 -5.99 4.87
N GLU A 134 0.84 -6.57 4.94
CA GLU A 134 1.04 -7.92 4.42
C GLU A 134 1.02 -8.93 5.56
N LYS B 21 17.99 -33.57 -10.09
CA LYS B 21 17.17 -32.49 -10.63
C LYS B 21 16.44 -31.74 -9.52
N VAL B 22 16.02 -32.48 -8.49
CA VAL B 22 15.27 -31.89 -7.39
C VAL B 22 16.24 -31.11 -6.49
N LEU B 23 15.79 -29.97 -5.99
CA LEU B 23 16.57 -29.15 -5.06
C LEU B 23 15.85 -29.10 -3.72
N ARG B 24 16.62 -29.03 -2.64
CA ARG B 24 16.10 -29.28 -1.31
C ARG B 24 16.24 -28.09 -0.37
N ASP B 25 17.42 -27.49 -0.29
CA ASP B 25 17.74 -26.54 0.78
C ASP B 25 18.36 -25.27 0.22
N ASN B 26 17.75 -24.71 -0.81
CA ASN B 26 18.25 -23.46 -1.37
C ASN B 26 17.83 -22.24 -0.57
N ILE B 27 17.16 -22.43 0.56
CA ILE B 27 16.93 -21.32 1.47
C ILE B 27 18.25 -20.83 2.05
N GLN B 28 19.23 -21.73 2.21
CA GLN B 28 20.55 -21.30 2.61
C GLN B 28 21.41 -20.88 1.41
N GLY B 29 20.87 -20.95 0.20
CA GLY B 29 21.56 -20.40 -0.95
C GLY B 29 21.73 -18.89 -0.90
N ILE B 30 20.79 -18.18 -0.28
CA ILE B 30 20.99 -16.78 0.06
C ILE B 30 21.75 -16.78 1.38
N THR B 31 23.07 -16.62 1.28
CA THR B 31 23.94 -16.84 2.41
C THR B 31 23.78 -15.75 3.45
N LYS B 32 24.30 -16.05 4.66
CA LYS B 32 24.33 -15.06 5.72
C LYS B 32 25.10 -13.79 5.34
N PRO B 33 26.31 -13.84 4.73
CA PRO B 33 26.91 -12.58 4.26
C PRO B 33 26.10 -11.90 3.16
N ALA B 34 25.36 -12.65 2.34
CA ALA B 34 24.49 -12.01 1.36
C ALA B 34 23.40 -11.20 2.04
N ILE B 35 22.81 -11.75 3.11
CA ILE B 35 21.81 -11.02 3.90
C ILE B 35 22.44 -9.81 4.57
N ARG B 36 23.65 -9.99 5.13
CA ARG B 36 24.33 -8.86 5.75
C ARG B 36 24.64 -7.77 4.74
N ARG B 37 24.99 -8.15 3.52
CA ARG B 37 25.33 -7.15 2.52
C ARG B 37 24.08 -6.46 1.97
N LEU B 38 22.97 -7.20 1.91
CA LEU B 38 21.68 -6.57 1.65
C LEU B 38 21.37 -5.50 2.69
N ALA B 39 21.55 -5.83 3.96
CA ALA B 39 21.22 -4.88 5.02
C ALA B 39 22.25 -3.76 5.09
N ARG B 40 23.47 -4.01 4.59
CA ARG B 40 24.40 -2.92 4.35
C ARG B 40 23.86 -1.97 3.29
N ARG B 41 23.29 -2.51 2.22
CA ARG B 41 22.55 -1.63 1.33
C ARG B 41 21.28 -1.14 2.01
N GLY B 42 20.73 -1.95 2.90
CA GLY B 42 19.54 -1.55 3.63
C GLY B 42 19.74 -0.56 4.75
N GLY B 43 20.90 0.08 4.85
CA GLY B 43 21.12 1.06 5.88
C GLY B 43 21.19 0.50 7.28
N VAL B 44 21.46 -0.78 7.42
CA VAL B 44 21.44 -1.43 8.72
C VAL B 44 22.86 -1.60 9.21
N LYS B 45 23.16 -1.03 10.38
CA LYS B 45 24.49 -1.12 10.94
C LYS B 45 24.74 -2.46 11.61
N ARG B 46 23.87 -2.85 12.54
CA ARG B 46 24.01 -4.12 13.26
C ARG B 46 22.79 -5.00 13.02
N ILE B 47 23.07 -6.28 12.75
CA ILE B 47 22.07 -7.25 12.33
C ILE B 47 22.07 -8.39 13.34
N SER B 48 20.92 -8.64 13.96
CA SER B 48 20.84 -9.67 14.99
C SER B 48 20.98 -11.06 14.38
N GLY B 49 21.26 -12.04 15.24
CA GLY B 49 21.45 -13.39 14.77
C GLY B 49 20.18 -14.07 14.32
N LEU B 50 19.03 -13.62 14.83
CA LEU B 50 17.75 -14.17 14.44
C LEU B 50 17.25 -13.61 13.13
N ILE B 51 17.90 -12.56 12.61
CA ILE B 51 17.42 -11.88 11.42
C ILE B 51 17.50 -12.77 10.19
N TYR B 52 18.55 -13.58 10.09
CA TYR B 52 18.89 -14.22 8.82
C TYR B 52 17.84 -15.23 8.39
N GLU B 53 17.44 -16.12 9.29
CA GLU B 53 16.47 -17.15 8.93
C GLU B 53 15.09 -16.56 8.68
N GLU B 54 14.71 -15.54 9.47
CA GLU B 54 13.36 -15.01 9.35
C GLU B 54 13.25 -14.11 8.11
N THR B 55 14.34 -13.41 7.78
CA THR B 55 14.40 -12.67 6.52
C THR B 55 14.46 -13.61 5.33
N ARG B 56 15.11 -14.76 5.48
CA ARG B 56 15.01 -15.82 4.48
C ARG B 56 13.55 -16.24 4.31
N GLY B 57 12.82 -16.36 5.41
CA GLY B 57 11.42 -16.73 5.32
C GLY B 57 10.55 -15.68 4.64
N VAL B 58 10.79 -14.40 4.94
CA VAL B 58 9.96 -13.37 4.32
C VAL B 58 10.34 -13.18 2.86
N LEU B 59 11.63 -13.38 2.52
CA LEU B 59 12.02 -13.42 1.12
C LEU B 59 11.37 -14.59 0.43
N LYS B 60 11.28 -15.72 1.13
CA LYS B 60 10.66 -16.92 0.56
C LYS B 60 9.20 -16.70 0.26
N VAL B 61 8.45 -16.10 1.19
CA VAL B 61 7.03 -15.89 0.97
C VAL B 61 6.81 -14.78 -0.08
N PHE B 62 7.69 -13.79 -0.10
CA PHE B 62 7.64 -12.76 -1.15
C PHE B 62 7.84 -13.39 -2.53
N LEU B 63 8.85 -14.23 -2.67
CA LEU B 63 9.05 -14.91 -3.93
C LEU B 63 7.95 -15.92 -4.22
N GLU B 64 7.34 -16.49 -3.18
CA GLU B 64 6.19 -17.36 -3.37
C GLU B 64 5.07 -16.60 -4.05
N ASN B 65 4.76 -15.40 -3.55
CA ASN B 65 3.73 -14.56 -4.14
C ASN B 65 4.08 -14.16 -5.57
N VAL B 66 5.30 -13.63 -5.76
CA VAL B 66 5.71 -13.09 -7.05
C VAL B 66 5.80 -14.19 -8.09
N ILE B 67 6.46 -15.30 -7.75
CA ILE B 67 6.65 -16.38 -8.71
C ILE B 67 5.34 -17.12 -8.95
N ARG B 68 4.46 -17.22 -7.96
CA ARG B 68 3.14 -17.79 -8.21
C ARG B 68 2.37 -16.96 -9.23
N ASP B 69 2.42 -15.64 -9.08
CA ASP B 69 1.75 -14.77 -10.03
C ASP B 69 2.39 -14.89 -11.41
N ALA B 70 3.72 -14.91 -11.46
CA ALA B 70 4.42 -14.96 -12.74
C ALA B 70 4.20 -16.30 -13.45
N VAL B 71 4.21 -17.39 -12.69
CA VAL B 71 3.94 -18.70 -13.25
C VAL B 71 2.53 -18.78 -13.78
N THR B 72 1.58 -18.13 -13.09
CA THR B 72 0.22 -18.07 -13.60
C THR B 72 0.16 -17.28 -14.91
N TYR B 73 0.95 -16.21 -14.99
CA TYR B 73 1.07 -15.46 -16.25
C TYR B 73 1.62 -16.34 -17.37
N THR B 74 2.65 -17.14 -17.06
CA THR B 74 3.27 -17.99 -18.09
C THR B 74 2.31 -19.07 -18.57
N GLU B 75 1.67 -19.78 -17.65
CA GLU B 75 0.78 -20.85 -18.09
C GLU B 75 -0.48 -20.29 -18.69
N HIS B 76 -0.82 -19.03 -18.38
CA HIS B 76 -1.85 -18.37 -19.14
C HIS B 76 -1.40 -18.13 -20.57
N ALA B 77 -0.10 -17.88 -20.77
CA ALA B 77 0.46 -17.75 -22.11
C ALA B 77 0.77 -19.09 -22.74
N LYS B 78 0.49 -20.19 -22.03
CA LYS B 78 0.80 -21.56 -22.44
C LYS B 78 2.30 -21.74 -22.67
N ARG B 79 3.11 -20.99 -21.94
CA ARG B 79 4.56 -21.07 -22.06
C ARG B 79 5.14 -21.86 -20.91
N LYS B 80 6.31 -22.43 -21.14
CA LYS B 80 7.00 -23.19 -20.10
C LYS B 80 8.24 -22.47 -19.59
N THR B 81 8.85 -21.61 -20.40
CA THR B 81 10.00 -20.81 -19.99
C THR B 81 9.48 -19.51 -19.40
N VAL B 82 9.83 -19.26 -18.14
CA VAL B 82 9.41 -18.04 -17.47
C VAL B 82 10.17 -16.86 -18.04
N THR B 83 9.46 -15.77 -18.34
CA THR B 83 10.06 -14.58 -18.91
C THR B 83 10.04 -13.43 -17.91
N ALA B 84 10.98 -12.50 -18.09
CA ALA B 84 11.09 -11.36 -17.19
C ALA B 84 9.91 -10.40 -17.32
N MET B 85 9.24 -10.40 -18.48
CA MET B 85 8.05 -9.57 -18.66
C MET B 85 6.94 -9.98 -17.70
N ASP B 86 6.75 -11.29 -17.54
CA ASP B 86 5.74 -11.76 -16.60
C ASP B 86 6.15 -11.48 -15.17
N VAL B 87 7.45 -11.48 -14.90
CA VAL B 87 7.95 -11.14 -13.56
C VAL B 87 7.65 -9.68 -13.24
N VAL B 88 7.96 -8.77 -14.17
CA VAL B 88 7.73 -7.35 -13.87
C VAL B 88 6.22 -7.06 -13.84
N TYR B 89 5.42 -7.84 -14.57
CA TYR B 89 3.97 -7.67 -14.48
C TYR B 89 3.44 -8.16 -13.13
N ALA B 90 3.96 -9.30 -12.65
CA ALA B 90 3.60 -9.81 -11.33
C ALA B 90 4.01 -8.82 -10.25
N LEU B 91 5.14 -8.15 -10.44
CA LEU B 91 5.54 -7.11 -9.51
C LEU B 91 4.62 -5.91 -9.58
N LYS B 92 4.27 -5.48 -10.80
CA LYS B 92 3.51 -4.25 -10.97
C LYS B 92 2.11 -4.37 -10.40
N ARG B 93 1.44 -5.50 -10.65
CA ARG B 93 0.09 -5.66 -10.14
C ARG B 93 0.04 -5.89 -8.63
N GLN B 94 1.19 -6.13 -8.00
CA GLN B 94 1.28 -6.08 -6.55
C GLN B 94 1.69 -4.70 -6.05
N GLY B 95 1.65 -3.69 -6.91
CA GLY B 95 2.06 -2.36 -6.51
C GLY B 95 3.56 -2.21 -6.33
N ARG B 96 4.34 -2.96 -7.08
CA ARG B 96 5.79 -3.02 -6.94
C ARG B 96 6.46 -2.91 -8.29
N THR B 97 6.04 -1.93 -9.09
CA THR B 97 6.49 -1.78 -10.47
C THR B 97 7.99 -1.61 -10.57
N LEU B 98 8.60 -2.33 -11.51
CA LEU B 98 10.04 -2.34 -11.68
C LEU B 98 10.39 -1.71 -13.02
N TYR B 99 11.45 -0.93 -13.05
CA TYR B 99 11.93 -0.31 -14.27
C TYR B 99 13.18 -1.03 -14.76
N GLY B 100 13.29 -1.18 -16.09
CA GLY B 100 14.52 -1.63 -16.70
C GLY B 100 14.52 -3.04 -17.25
N PHE B 101 13.38 -3.72 -17.27
CA PHE B 101 13.30 -5.05 -17.87
C PHE B 101 12.07 -5.16 -18.76
N GLY B 102 11.90 -4.16 -19.62
CA GLY B 102 10.83 -4.20 -20.60
C GLY B 102 9.45 -3.94 -20.06
N GLY B 103 9.33 -3.48 -18.81
CA GLY B 103 8.03 -3.20 -18.23
C GLY B 103 7.40 -1.94 -18.77
N ALA C 28 -42.13 -17.46 -34.76
CA ALA C 28 -41.91 -18.78 -34.18
C ALA C 28 -40.70 -18.76 -33.25
N ARG C 29 -40.55 -17.68 -32.50
CA ARG C 29 -39.40 -17.55 -31.60
C ARG C 29 -39.53 -18.48 -30.40
N ALA C 30 -38.39 -18.98 -29.95
CA ALA C 30 -38.36 -19.85 -28.79
C ALA C 30 -38.66 -19.06 -27.52
N LYS C 31 -39.05 -19.79 -26.47
CA LYS C 31 -39.36 -19.17 -25.19
C LYS C 31 -38.11 -18.60 -24.53
N ALA C 32 -38.23 -17.38 -24.02
CA ALA C 32 -37.09 -16.63 -23.51
C ALA C 32 -36.68 -17.16 -22.14
N LYS C 33 -35.57 -17.90 -22.10
CA LYS C 33 -34.96 -18.30 -20.84
C LYS C 33 -33.83 -17.34 -20.50
N THR C 34 -33.33 -17.43 -19.27
CA THR C 34 -32.27 -16.53 -18.82
C THR C 34 -30.97 -17.31 -18.63
N ARG C 35 -29.86 -16.64 -18.95
CA ARG C 35 -28.56 -17.27 -18.85
C ARG C 35 -28.18 -17.55 -17.39
N SER C 36 -28.71 -16.76 -16.46
CA SER C 36 -28.55 -17.09 -15.04
C SER C 36 -29.20 -18.42 -14.71
N SER C 37 -30.41 -18.66 -15.23
CA SER C 37 -31.04 -19.96 -15.04
C SER C 37 -30.35 -21.03 -15.88
N ARG C 38 -29.76 -20.64 -17.00
CA ARG C 38 -29.04 -21.59 -17.84
C ARG C 38 -27.82 -22.13 -17.12
N ALA C 39 -27.09 -21.27 -16.42
CA ALA C 39 -26.00 -21.71 -15.58
C ALA C 39 -26.43 -21.97 -14.15
N GLY C 40 -27.73 -21.90 -13.86
CA GLY C 40 -28.21 -22.12 -12.51
C GLY C 40 -27.76 -21.08 -11.52
N LEU C 41 -27.67 -19.83 -11.92
CA LEU C 41 -27.12 -18.77 -11.10
C LEU C 41 -28.21 -17.77 -10.75
N GLN C 42 -27.96 -17.03 -9.67
CA GLN C 42 -28.87 -15.95 -9.26
C GLN C 42 -28.39 -14.59 -9.71
N PHE C 43 -27.09 -14.40 -9.88
CA PHE C 43 -26.59 -13.15 -10.42
C PHE C 43 -26.97 -13.04 -11.90
N PRO C 44 -27.26 -11.83 -12.36
CA PRO C 44 -27.61 -11.65 -13.77
C PRO C 44 -26.39 -11.78 -14.67
N VAL C 45 -26.41 -12.79 -15.54
CA VAL C 45 -25.38 -12.90 -16.55
C VAL C 45 -25.47 -11.72 -17.51
N GLY C 46 -26.70 -11.26 -17.78
CA GLY C 46 -26.88 -10.15 -18.70
C GLY C 46 -26.29 -8.85 -18.19
N ARG C 47 -26.50 -8.53 -16.91
CA ARG C 47 -26.04 -7.24 -16.40
C ARG C 47 -24.53 -7.21 -16.26
N VAL C 48 -23.93 -8.30 -15.79
CA VAL C 48 -22.47 -8.36 -15.68
C VAL C 48 -21.85 -8.36 -17.07
N HIS C 49 -22.48 -9.05 -18.02
CA HIS C 49 -21.98 -9.05 -19.40
C HIS C 49 -22.06 -7.66 -20.02
N ARG C 50 -23.15 -6.93 -19.77
CA ARG C 50 -23.27 -5.57 -20.26
C ARG C 50 -22.24 -4.66 -19.62
N LEU C 51 -22.01 -4.83 -18.31
CA LEU C 51 -21.01 -4.02 -17.62
C LEU C 51 -19.60 -4.29 -18.13
N LEU C 52 -19.32 -5.52 -18.54
CA LEU C 52 -18.03 -5.79 -19.14
C LEU C 52 -17.94 -5.23 -20.56
N ARG C 53 -19.02 -5.34 -21.34
CA ARG C 53 -18.97 -4.89 -22.73
C ARG C 53 -18.89 -3.38 -22.83
N LYS C 54 -19.64 -2.68 -21.98
CA LYS C 54 -19.66 -1.21 -21.99
C LYS C 54 -18.71 -0.60 -20.97
N GLY C 55 -18.03 -1.42 -20.18
CA GLY C 55 -17.01 -0.91 -19.29
C GLY C 55 -15.65 -0.75 -19.93
N ASN C 56 -15.52 -1.15 -21.20
CA ASN C 56 -14.30 -0.99 -22.00
C ASN C 56 -13.08 -1.66 -21.34
N TYR C 57 -13.12 -2.98 -21.30
CA TYR C 57 -12.00 -3.76 -20.77
C TYR C 57 -11.32 -4.61 -21.82
N SER C 58 -11.99 -4.86 -22.94
CA SER C 58 -11.37 -5.49 -24.08
C SER C 58 -12.21 -5.13 -25.30
N GLU C 59 -11.67 -5.42 -26.48
CA GLU C 59 -12.45 -5.22 -27.69
C GLU C 59 -13.64 -6.16 -27.73
N ARG C 60 -13.48 -7.38 -27.23
CA ARG C 60 -14.52 -8.39 -27.28
C ARG C 60 -14.41 -9.22 -26.01
N VAL C 61 -15.47 -9.96 -25.68
CA VAL C 61 -15.53 -10.74 -24.45
C VAL C 61 -15.93 -12.17 -24.79
N GLY C 62 -15.14 -13.14 -24.33
CA GLY C 62 -15.55 -14.53 -24.44
C GLY C 62 -16.77 -14.81 -23.59
N ALA C 63 -17.61 -15.71 -24.10
CA ALA C 63 -18.95 -15.87 -23.53
C ALA C 63 -18.92 -16.52 -22.16
N GLY C 64 -17.94 -17.39 -21.91
CA GLY C 64 -17.89 -18.02 -20.61
C GLY C 64 -17.40 -17.12 -19.50
N ALA C 65 -16.74 -16.02 -19.85
CA ALA C 65 -16.20 -15.12 -18.84
C ALA C 65 -17.26 -14.43 -17.98
N PRO C 66 -18.35 -13.84 -18.51
CA PRO C 66 -19.35 -13.28 -17.58
C PRO C 66 -20.04 -14.32 -16.74
N VAL C 67 -20.23 -15.53 -17.26
CA VAL C 67 -20.84 -16.60 -16.48
C VAL C 67 -19.94 -17.00 -15.33
N TYR C 68 -18.66 -17.14 -15.61
CA TYR C 68 -17.68 -17.42 -14.57
C TYR C 68 -17.64 -16.29 -13.55
N LEU C 69 -17.76 -15.06 -14.04
CA LEU C 69 -17.72 -13.90 -13.16
C LEU C 69 -18.91 -13.87 -12.23
N ALA C 70 -20.11 -14.08 -12.78
CA ALA C 70 -21.31 -14.10 -11.97
C ALA C 70 -21.27 -15.23 -10.96
N ALA C 71 -20.70 -16.37 -11.35
CA ALA C 71 -20.53 -17.46 -10.39
C ALA C 71 -19.59 -17.08 -9.25
N VAL C 72 -18.49 -16.39 -9.58
CA VAL C 72 -17.52 -15.99 -8.57
C VAL C 72 -18.15 -15.01 -7.58
N LEU C 73 -18.81 -13.98 -8.10
CA LEU C 73 -19.49 -13.02 -7.23
C LEU C 73 -20.64 -13.64 -6.47
N GLU C 74 -21.35 -14.59 -7.07
CA GLU C 74 -22.44 -15.24 -6.35
C GLU C 74 -21.91 -16.04 -5.18
N TYR C 75 -20.81 -16.76 -5.37
CA TYR C 75 -20.22 -17.49 -4.27
C TYR C 75 -19.69 -16.55 -3.19
N LEU C 76 -19.03 -15.46 -3.60
CA LEU C 76 -18.48 -14.52 -2.63
C LEU C 76 -19.57 -13.85 -1.80
N THR C 77 -20.57 -13.27 -2.48
CA THR C 77 -21.68 -12.63 -1.80
C THR C 77 -22.47 -13.63 -0.98
N ALA C 78 -22.58 -14.87 -1.47
CA ALA C 78 -23.33 -15.88 -0.75
C ALA C 78 -22.67 -16.23 0.58
N GLU C 79 -21.36 -16.44 0.57
CA GLU C 79 -20.73 -16.87 1.81
C GLU C 79 -20.50 -15.68 2.75
N ILE C 80 -20.37 -14.48 2.22
CA ILE C 80 -20.27 -13.38 3.17
C ILE C 80 -21.65 -13.08 3.76
N LEU C 81 -22.71 -13.37 3.03
CA LEU C 81 -24.04 -13.31 3.63
C LEU C 81 -24.25 -14.48 4.58
N GLU C 82 -23.59 -15.60 4.34
CA GLU C 82 -23.54 -16.68 5.32
C GLU C 82 -22.95 -16.20 6.63
N LEU C 83 -21.76 -15.59 6.57
CA LEU C 83 -21.15 -15.06 7.78
C LEU C 83 -22.00 -13.96 8.41
N ALA C 84 -22.62 -13.11 7.58
CA ALA C 84 -23.45 -12.03 8.11
C ALA C 84 -24.67 -12.58 8.83
N GLY C 85 -25.35 -13.56 8.23
CA GLY C 85 -26.51 -14.14 8.86
C GLY C 85 -26.17 -14.89 10.12
N ASN C 86 -25.03 -15.59 10.13
CA ASN C 86 -24.64 -16.32 11.34
C ASN C 86 -24.22 -15.36 12.45
N ALA C 87 -23.57 -14.24 12.10
CA ALA C 87 -23.22 -13.24 13.10
C ALA C 87 -24.47 -12.54 13.64
N ALA C 88 -25.44 -12.29 12.77
CA ALA C 88 -26.67 -11.66 13.21
C ALA C 88 -27.46 -12.58 14.12
N ARG C 89 -27.52 -13.87 13.78
CA ARG C 89 -28.16 -14.85 14.65
C ARG C 89 -27.38 -15.03 15.95
N ASP C 90 -26.07 -14.76 15.92
CA ASP C 90 -25.30 -14.71 17.16
C ASP C 90 -25.66 -13.50 18.00
N ASN C 91 -26.01 -12.39 17.35
CA ASN C 91 -26.43 -11.18 18.07
C ASN C 91 -27.96 -11.12 18.10
N LYS C 92 -28.62 -12.27 17.90
CA LYS C 92 -30.07 -12.49 18.09
C LYS C 92 -30.97 -11.50 17.31
N LYS C 93 -30.42 -10.79 16.33
CA LYS C 93 -31.21 -9.96 15.43
C LYS C 93 -31.26 -10.60 14.06
N THR C 94 -32.39 -10.45 13.38
CA THR C 94 -32.64 -11.13 12.11
C THR C 94 -32.32 -10.28 10.89
N ARG C 95 -32.03 -8.99 11.05
CA ARG C 95 -31.88 -8.11 9.89
C ARG C 95 -30.46 -7.58 9.84
N ILE C 96 -29.86 -7.63 8.65
CA ILE C 96 -28.44 -7.33 8.50
C ILE C 96 -28.23 -5.83 8.46
N ILE C 97 -27.39 -5.34 9.36
CA ILE C 97 -26.95 -3.95 9.37
C ILE C 97 -25.49 -3.99 8.93
N PRO C 98 -24.89 -2.88 8.49
CA PRO C 98 -23.50 -2.93 8.01
C PRO C 98 -22.48 -3.38 9.05
N ARG C 99 -22.83 -3.30 10.33
CA ARG C 99 -21.98 -3.88 11.36
C ARG C 99 -21.81 -5.37 11.15
N HIS C 100 -22.88 -6.05 10.72
CA HIS C 100 -22.78 -7.47 10.42
C HIS C 100 -21.84 -7.73 9.24
N LEU C 101 -21.79 -6.81 8.29
CA LEU C 101 -20.89 -7.00 7.16
C LEU C 101 -19.44 -6.78 7.55
N GLN C 102 -19.18 -5.78 8.39
CA GLN C 102 -17.83 -5.62 8.92
C GLN C 102 -17.42 -6.84 9.75
N LEU C 103 -18.34 -7.35 10.57
CA LEU C 103 -18.04 -8.52 11.38
C LEU C 103 -17.87 -9.76 10.50
N ALA C 104 -18.51 -9.78 9.34
CA ALA C 104 -18.34 -10.89 8.41
C ALA C 104 -16.98 -10.84 7.72
N ILE C 105 -16.60 -9.68 7.22
CA ILE C 105 -15.38 -9.58 6.43
C ILE C 105 -14.14 -9.64 7.31
N ARG C 106 -14.13 -8.85 8.38
CA ARG C 106 -12.94 -8.75 9.22
C ARG C 106 -12.67 -10.01 10.04
N ASN C 107 -13.66 -10.88 10.21
CA ASN C 107 -13.43 -12.12 10.93
C ASN C 107 -12.94 -13.25 10.05
N ASP C 108 -12.84 -13.03 8.74
CA ASP C 108 -12.21 -13.98 7.85
C ASP C 108 -10.86 -13.43 7.42
N GLU C 109 -9.80 -14.22 7.67
CA GLU C 109 -8.45 -13.79 7.32
C GLU C 109 -8.27 -13.64 5.81
N GLU C 110 -8.85 -14.55 5.04
CA GLU C 110 -8.59 -14.57 3.61
C GLU C 110 -9.39 -13.48 2.89
N LEU C 111 -10.60 -13.20 3.35
CA LEU C 111 -11.33 -12.03 2.87
C LEU C 111 -10.62 -10.75 3.27
N ASN C 112 -10.00 -10.74 4.46
CA ASN C 112 -9.24 -9.57 4.87
C ASN C 112 -8.02 -9.37 3.98
N LYS C 113 -7.44 -10.47 3.51
CA LYS C 113 -6.42 -10.36 2.48
C LYS C 113 -7.00 -9.82 1.19
N LEU C 114 -8.27 -10.15 0.91
CA LEU C 114 -8.92 -9.54 -0.25
C LEU C 114 -9.28 -8.07 0.01
N LEU C 115 -9.77 -7.76 1.20
CA LEU C 115 -10.35 -6.45 1.49
C LEU C 115 -9.70 -5.74 2.68
N GLY C 116 -8.37 -5.68 2.71
CA GLY C 116 -7.70 -4.98 3.79
C GLY C 116 -7.83 -3.47 3.68
N ARG C 117 -7.85 -2.95 2.45
CA ARG C 117 -7.79 -1.51 2.21
C ARG C 117 -9.16 -0.90 1.99
N VAL C 118 -10.22 -1.65 2.22
CA VAL C 118 -11.59 -1.23 1.87
C VAL C 118 -12.33 -0.85 3.14
N THR C 119 -13.03 0.28 3.10
CA THR C 119 -13.77 0.81 4.23
C THR C 119 -15.25 0.48 4.10
N ILE C 120 -15.83 -0.07 5.16
CA ILE C 120 -17.27 -0.32 5.24
C ILE C 120 -17.93 0.91 5.85
N ALA C 121 -18.96 1.43 5.19
CA ALA C 121 -19.75 2.51 5.77
C ALA C 121 -20.52 2.01 6.97
N GLN C 122 -20.35 2.70 8.10
CA GLN C 122 -21.05 2.45 9.36
C GLN C 122 -20.84 1.02 9.87
N GLY C 123 -19.73 0.39 9.49
CA GLY C 123 -19.39 -0.92 10.01
C GLY C 123 -18.57 -0.84 11.27
N GLY C 124 -17.96 0.32 11.49
CA GLY C 124 -17.11 0.49 12.65
C GLY C 124 -15.83 -0.30 12.51
N VAL C 125 -15.39 -0.89 13.62
CA VAL C 125 -14.15 -1.65 13.66
C VAL C 125 -14.46 -3.02 14.25
N LEU C 126 -13.77 -4.04 13.75
CA LEU C 126 -13.80 -5.35 14.34
C LEU C 126 -13.33 -5.28 15.78
N PRO C 127 -13.97 -5.98 16.71
CA PRO C 127 -13.46 -6.04 18.09
C PRO C 127 -12.05 -6.65 18.11
N ASN C 128 -11.08 -5.79 18.42
CA ASN C 128 -9.68 -6.13 18.27
C ASN C 128 -8.91 -5.31 19.30
N ILE C 129 -8.59 -5.94 20.40
CA ILE C 129 -7.89 -5.27 21.48
C ILE C 129 -6.57 -5.99 21.69
N GLN C 130 -5.48 -5.22 21.67
CA GLN C 130 -4.18 -5.84 21.89
C GLN C 130 -4.05 -6.27 23.33
N ALA C 131 -3.48 -7.46 23.52
CA ALA C 131 -3.44 -8.07 24.84
C ALA C 131 -2.53 -7.30 25.79
N VAL C 132 -1.53 -6.59 25.25
CA VAL C 132 -0.60 -5.84 26.10
C VAL C 132 -1.29 -4.65 26.75
N LEU C 133 -2.22 -4.00 26.03
CA LEU C 133 -2.89 -2.83 26.58
C LEU C 133 -4.10 -3.22 27.41
N LEU C 134 -4.48 -4.50 27.37
CA LEU C 134 -5.41 -4.99 28.36
C LEU C 134 -4.73 -5.08 29.72
N PRO C 135 -5.45 -4.83 30.82
CA PRO C 135 -4.80 -4.84 32.13
C PRO C 135 -4.50 -6.26 32.60
N LYS C 136 -3.86 -6.34 33.76
CA LYS C 136 -3.48 -7.62 34.34
C LYS C 136 -4.45 -8.02 35.44
N LYS D 31 -42.10 10.65 -14.18
CA LYS D 31 -41.39 9.59 -13.48
C LYS D 31 -39.90 9.90 -13.39
N ARG D 32 -39.11 8.84 -13.23
CA ARG D 32 -37.65 8.92 -13.17
C ARG D 32 -37.06 7.87 -14.09
N SER D 33 -35.82 8.08 -14.49
CA SER D 33 -35.08 7.05 -15.21
C SER D 33 -34.71 5.92 -14.25
N ARG D 34 -34.72 4.69 -14.76
CA ARG D 34 -34.49 3.54 -13.90
C ARG D 34 -33.01 3.49 -13.49
N LYS D 35 -32.76 3.49 -12.18
CA LYS D 35 -31.40 3.51 -11.63
C LYS D 35 -31.07 2.10 -11.19
N GLU D 36 -30.03 1.52 -11.79
CA GLU D 36 -29.76 0.10 -11.66
C GLU D 36 -29.00 -0.21 -10.38
N SER D 37 -29.27 -1.39 -9.82
CA SER D 37 -28.59 -1.88 -8.64
C SER D 37 -28.70 -3.40 -8.63
N TYR D 38 -27.84 -4.03 -7.85
CA TYR D 38 -27.84 -5.48 -7.72
C TYR D 38 -28.69 -5.96 -6.56
N SER D 39 -29.64 -5.15 -6.11
CA SER D 39 -30.29 -5.39 -4.82
C SER D 39 -31.17 -6.64 -4.85
N VAL D 40 -31.85 -6.86 -5.97
CA VAL D 40 -32.74 -8.01 -6.08
C VAL D 40 -31.95 -9.32 -6.04
N TYR D 41 -30.75 -9.36 -6.62
CA TYR D 41 -29.99 -10.59 -6.65
C TYR D 41 -29.35 -10.88 -5.30
N VAL D 42 -28.93 -9.83 -4.60
CA VAL D 42 -28.51 -9.98 -3.21
C VAL D 42 -29.66 -10.51 -2.36
N TYR D 43 -30.88 -10.02 -2.63
CA TYR D 43 -32.05 -10.54 -1.94
C TYR D 43 -32.29 -12.01 -2.27
N LYS D 44 -32.12 -12.38 -3.55
CA LYS D 44 -32.36 -13.76 -3.96
C LYS D 44 -31.36 -14.72 -3.31
N VAL D 45 -30.07 -14.38 -3.34
CA VAL D 45 -29.09 -15.27 -2.71
C VAL D 45 -29.24 -15.24 -1.20
N LEU D 46 -29.70 -14.11 -0.65
CA LEU D 46 -29.89 -14.01 0.79
C LEU D 46 -30.99 -14.95 1.26
N LYS D 47 -32.14 -14.93 0.58
CA LYS D 47 -33.20 -15.88 0.86
C LYS D 47 -32.81 -17.31 0.49
N GLN D 48 -31.90 -17.48 -0.47
CA GLN D 48 -31.43 -18.81 -0.81
C GLN D 48 -30.63 -19.44 0.32
N VAL D 49 -29.74 -18.66 0.95
CA VAL D 49 -28.86 -19.24 1.94
C VAL D 49 -29.43 -19.06 3.34
N HIS D 50 -30.31 -18.07 3.53
CA HIS D 50 -30.91 -17.78 4.83
C HIS D 50 -32.31 -17.23 4.60
N PRO D 51 -33.31 -18.12 4.47
CA PRO D 51 -34.68 -17.64 4.23
C PRO D 51 -35.26 -16.82 5.37
N ASP D 52 -34.75 -16.99 6.59
CA ASP D 52 -35.35 -16.42 7.78
C ASP D 52 -34.86 -15.03 8.11
N THR D 53 -33.86 -14.51 7.43
CA THR D 53 -33.21 -13.28 7.88
C THR D 53 -33.65 -12.07 7.07
N GLY D 54 -33.35 -10.88 7.59
CA GLY D 54 -33.67 -9.64 6.95
C GLY D 54 -32.43 -8.90 6.46
N ILE D 55 -32.67 -7.75 5.84
CA ILE D 55 -31.61 -6.94 5.27
C ILE D 55 -32.00 -5.48 5.42
N SER D 56 -31.01 -4.60 5.59
CA SER D 56 -31.26 -3.17 5.63
C SER D 56 -30.79 -2.49 4.35
N SER D 57 -31.16 -1.22 4.20
CA SER D 57 -30.81 -0.49 2.99
C SER D 57 -29.34 -0.10 2.98
N LYS D 58 -28.80 0.26 4.14
CA LYS D 58 -27.38 0.61 4.23
C LYS D 58 -26.50 -0.60 3.93
N ALA D 59 -26.85 -1.76 4.49
CA ALA D 59 -26.15 -2.99 4.17
C ALA D 59 -26.32 -3.36 2.70
N MET D 60 -27.48 -3.01 2.12
CA MET D 60 -27.71 -3.26 0.71
C MET D 60 -26.77 -2.42 -0.14
N GLY D 61 -26.57 -1.16 0.24
CA GLY D 61 -25.61 -0.32 -0.46
C GLY D 61 -24.19 -0.81 -0.30
N ILE D 62 -23.85 -1.34 0.88
CA ILE D 62 -22.54 -1.94 1.09
C ILE D 62 -22.32 -3.11 0.14
N MET D 63 -23.33 -3.97 0.01
CA MET D 63 -23.21 -5.11 -0.91
C MET D 63 -23.15 -4.66 -2.36
N ASN D 64 -23.88 -3.61 -2.72
CA ASN D 64 -23.78 -3.09 -4.08
C ASN D 64 -22.38 -2.55 -4.36
N SER D 65 -21.79 -1.85 -3.38
CA SER D 65 -20.42 -1.37 -3.53
C SER D 65 -19.43 -2.52 -3.59
N PHE D 66 -19.66 -3.58 -2.83
CA PHE D 66 -18.81 -4.76 -2.87
C PHE D 66 -18.85 -5.44 -4.23
N VAL D 67 -20.05 -5.59 -4.79
CA VAL D 67 -20.20 -6.16 -6.12
C VAL D 67 -19.48 -5.31 -7.16
N ASN D 68 -19.66 -3.99 -7.09
CA ASN D 68 -19.01 -3.08 -8.03
C ASN D 68 -17.49 -3.17 -7.91
N ASP D 69 -16.98 -3.23 -6.69
CA ASP D 69 -15.54 -3.23 -6.44
C ASP D 69 -14.88 -4.51 -6.94
N ILE D 70 -15.44 -5.66 -6.57
CA ILE D 70 -14.86 -6.93 -7.00
C ILE D 70 -14.97 -7.07 -8.51
N PHE D 71 -16.08 -6.61 -9.08
CA PHE D 71 -16.25 -6.67 -10.52
C PHE D 71 -15.22 -5.82 -11.26
N GLU D 72 -14.95 -4.61 -10.76
CA GLU D 72 -14.01 -3.77 -11.49
C GLU D 72 -12.58 -4.27 -11.31
N ARG D 73 -12.26 -4.86 -10.15
CA ARG D 73 -10.94 -5.47 -9.97
C ARG D 73 -10.72 -6.60 -10.95
N ILE D 74 -11.70 -7.49 -11.07
CA ILE D 74 -11.54 -8.62 -11.97
C ILE D 74 -11.53 -8.17 -13.42
N ALA D 75 -12.31 -7.14 -13.74
CA ALA D 75 -12.27 -6.57 -15.08
C ALA D 75 -10.90 -5.96 -15.40
N GLY D 76 -10.29 -5.28 -14.41
CA GLY D 76 -8.97 -4.71 -14.62
C GLY D 76 -7.90 -5.76 -14.84
N GLU D 77 -7.89 -6.80 -14.01
CA GLU D 77 -6.91 -7.87 -14.20
C GLU D 77 -7.15 -8.61 -15.50
N ALA D 78 -8.42 -8.80 -15.89
CA ALA D 78 -8.71 -9.46 -17.15
C ALA D 78 -8.23 -8.64 -18.33
N SER D 79 -8.38 -7.31 -18.26
CA SER D 79 -7.86 -6.45 -19.31
C SER D 79 -6.35 -6.54 -19.40
N ARG D 80 -5.67 -6.56 -18.25
CA ARG D 80 -4.21 -6.65 -18.26
C ARG D 80 -3.74 -7.99 -18.84
N LEU D 81 -4.37 -9.10 -18.46
CA LEU D 81 -4.03 -10.39 -19.05
C LEU D 81 -4.33 -10.43 -20.54
N ALA D 82 -5.42 -9.81 -20.98
CA ALA D 82 -5.72 -9.77 -22.40
C ALA D 82 -4.68 -8.98 -23.17
N HIS D 83 -4.26 -7.84 -22.63
CA HIS D 83 -3.32 -6.98 -23.35
C HIS D 83 -1.91 -7.56 -23.35
N TYR D 84 -1.56 -8.29 -22.29
CA TYR D 84 -0.21 -8.86 -22.20
C TYR D 84 -0.04 -10.00 -23.19
N ASN D 85 -1.10 -10.76 -23.44
CA ASN D 85 -1.10 -11.78 -24.47
C ASN D 85 -1.63 -11.27 -25.78
N LYS D 86 -1.83 -9.95 -25.90
CA LYS D 86 -2.38 -9.29 -27.08
C LYS D 86 -3.71 -9.89 -27.49
N ARG D 87 -4.52 -10.24 -26.49
CA ARG D 87 -5.82 -10.86 -26.74
C ARG D 87 -6.90 -9.81 -26.88
N SER D 88 -7.64 -9.89 -27.99
CA SER D 88 -8.78 -9.03 -28.24
C SER D 88 -10.05 -9.53 -27.58
N THR D 89 -10.00 -10.70 -26.92
CA THR D 89 -11.13 -11.19 -26.15
C THR D 89 -10.65 -11.62 -24.76
N ILE D 90 -11.52 -11.47 -23.78
CA ILE D 90 -11.32 -12.02 -22.45
C ILE D 90 -12.21 -13.24 -22.33
N THR D 91 -11.62 -14.40 -22.14
CA THR D 91 -12.38 -15.64 -22.07
C THR D 91 -12.46 -16.12 -20.63
N SER D 92 -13.08 -17.29 -20.46
CA SER D 92 -13.13 -17.92 -19.15
C SER D 92 -11.74 -18.30 -18.66
N ARG D 93 -10.82 -18.57 -19.58
CA ARG D 93 -9.43 -18.78 -19.19
C ARG D 93 -8.83 -17.51 -18.61
N GLU D 94 -9.08 -16.36 -19.28
CA GLU D 94 -8.55 -15.09 -18.81
C GLU D 94 -9.12 -14.71 -17.46
N ILE D 95 -10.42 -14.85 -17.29
CA ILE D 95 -11.04 -14.42 -16.05
C ILE D 95 -10.74 -15.43 -14.93
N GLN D 96 -10.53 -16.69 -15.29
CA GLN D 96 -10.10 -17.69 -14.33
C GLN D 96 -8.70 -17.36 -13.82
N THR D 97 -7.81 -16.99 -14.74
CA THR D 97 -6.48 -16.51 -14.37
C THR D 97 -6.58 -15.29 -13.48
N ALA D 98 -7.47 -14.36 -13.82
CA ALA D 98 -7.63 -13.14 -13.04
C ALA D 98 -8.12 -13.44 -11.63
N VAL D 99 -8.97 -14.45 -11.49
CA VAL D 99 -9.38 -14.88 -10.15
C VAL D 99 -8.20 -15.47 -9.39
N ARG D 100 -7.38 -16.30 -10.05
CA ARG D 100 -6.22 -16.88 -9.37
C ARG D 100 -5.23 -15.80 -8.95
N LEU D 101 -5.12 -14.72 -9.72
CA LEU D 101 -4.32 -13.58 -9.27
C LEU D 101 -4.97 -12.84 -8.10
N LEU D 102 -6.24 -12.48 -8.22
CA LEU D 102 -6.85 -11.65 -7.19
C LEU D 102 -7.28 -12.46 -5.97
N LEU D 103 -8.01 -13.52 -6.18
CA LEU D 103 -8.57 -14.24 -5.04
C LEU D 103 -7.48 -15.07 -4.37
N PRO D 104 -7.33 -14.95 -3.05
CA PRO D 104 -6.28 -15.71 -2.36
C PRO D 104 -6.72 -17.12 -2.04
N GLY D 105 -5.83 -18.07 -2.36
CA GLY D 105 -5.89 -19.42 -1.84
C GLY D 105 -7.12 -20.26 -2.06
N GLU D 106 -7.62 -20.84 -0.97
CA GLU D 106 -8.72 -21.81 -1.10
C GLU D 106 -10.03 -21.12 -1.47
N LEU D 107 -10.11 -19.81 -1.24
CA LEU D 107 -11.20 -19.03 -1.82
C LEU D 107 -11.10 -19.08 -3.33
N ALA D 108 -9.89 -18.99 -3.87
CA ALA D 108 -9.73 -19.07 -5.32
C ALA D 108 -10.03 -20.46 -5.84
N LYS D 109 -9.63 -21.51 -5.11
CA LYS D 109 -9.99 -22.86 -5.57
C LYS D 109 -11.49 -23.11 -5.53
N HIS D 110 -12.19 -22.64 -4.49
CA HIS D 110 -13.64 -22.78 -4.47
C HIS D 110 -14.29 -21.95 -5.57
N ALA D 111 -13.74 -20.77 -5.86
CA ALA D 111 -14.26 -19.95 -6.95
C ALA D 111 -14.08 -20.65 -8.29
N VAL D 112 -12.92 -21.30 -8.49
CA VAL D 112 -12.70 -22.08 -9.70
C VAL D 112 -13.69 -23.23 -9.80
N SER D 113 -13.95 -23.92 -8.68
CA SER D 113 -14.90 -25.02 -8.68
C SER D 113 -16.31 -24.54 -9.02
N GLU D 114 -16.74 -23.43 -8.41
CA GLU D 114 -18.06 -22.89 -8.66
C GLU D 114 -18.20 -22.41 -10.09
N GLY D 115 -17.19 -21.70 -10.59
CA GLY D 115 -17.26 -21.21 -11.96
C GLY D 115 -17.19 -22.33 -12.98
N THR D 116 -16.40 -23.36 -12.69
CA THR D 116 -16.31 -24.51 -13.58
C THR D 116 -17.63 -25.26 -13.63
N LYS D 117 -18.26 -25.44 -12.46
CA LYS D 117 -19.58 -26.07 -12.43
C LYS D 117 -20.60 -25.23 -13.17
N ALA D 118 -20.53 -23.91 -13.01
CA ALA D 118 -21.46 -23.01 -13.67
C ALA D 118 -21.28 -23.05 -15.19
N VAL D 119 -20.03 -23.06 -15.66
CA VAL D 119 -19.81 -23.00 -17.10
C VAL D 119 -20.10 -24.37 -17.73
N THR D 120 -19.92 -25.45 -16.97
CA THR D 120 -20.32 -26.75 -17.48
C THR D 120 -21.84 -26.86 -17.57
N LYS D 121 -22.54 -26.30 -16.59
CA LYS D 121 -24.01 -26.29 -16.66
C LYS D 121 -24.50 -25.40 -17.80
N TYR D 122 -23.81 -24.28 -18.03
CA TYR D 122 -24.20 -23.39 -19.13
C TYR D 122 -23.93 -24.04 -20.47
N THR D 123 -22.80 -24.73 -20.60
CA THR D 123 -22.47 -25.39 -21.87
C THR D 123 -23.33 -26.61 -22.10
N SER D 124 -23.98 -27.11 -21.05
CA SER D 124 -24.96 -28.18 -21.21
C SER D 124 -26.30 -27.67 -21.72
N ALA D 125 -26.45 -26.34 -21.83
CA ALA D 125 -27.63 -25.67 -22.36
C ALA D 125 -28.93 -26.06 -21.65
N LYS E 38 -17.31 9.67 50.56
CA LYS E 38 -16.40 9.82 49.44
C LYS E 38 -17.10 9.50 48.11
N PRO E 39 -17.13 10.46 47.20
CA PRO E 39 -17.68 10.19 45.86
C PRO E 39 -16.84 9.15 45.13
N HIS E 40 -17.51 8.27 44.40
CA HIS E 40 -16.83 7.13 43.81
C HIS E 40 -16.11 7.54 42.54
N ARG E 41 -14.88 7.04 42.38
CA ARG E 41 -13.98 7.48 41.32
C ARG E 41 -13.25 6.25 40.78
N TYR E 42 -13.14 6.15 39.46
CA TYR E 42 -12.52 4.99 38.84
C TYR E 42 -11.06 5.27 38.55
N ARG E 43 -10.25 4.21 38.49
CA ARG E 43 -8.83 4.37 38.24
C ARG E 43 -8.59 4.67 36.76
N PRO E 44 -7.48 5.36 36.44
CA PRO E 44 -7.22 5.77 35.05
C PRO E 44 -7.02 4.58 34.13
N GLY E 45 -7.54 4.71 32.91
CA GLY E 45 -7.46 3.66 31.93
C GLY E 45 -8.65 2.74 31.91
N THR E 46 -9.27 2.50 33.07
CA THR E 46 -10.45 1.65 33.14
C THR E 46 -11.61 2.30 32.43
N VAL E 47 -11.86 3.58 32.72
CA VAL E 47 -12.84 4.34 31.96
C VAL E 47 -12.41 4.45 30.51
N ALA E 48 -11.10 4.60 30.27
CA ALA E 48 -10.58 4.65 28.91
C ALA E 48 -10.81 3.35 28.17
N LEU E 49 -10.58 2.22 28.83
CA LEU E 49 -10.83 0.92 28.21
C LEU E 49 -12.32 0.71 27.96
N ARG E 50 -13.16 1.15 28.89
CA ARG E 50 -14.59 1.08 28.66
C ARG E 50 -15.02 1.94 27.49
N GLU E 51 -14.37 3.10 27.33
CA GLU E 51 -14.60 3.93 26.15
C GLU E 51 -14.20 3.19 24.88
N ILE E 52 -13.04 2.54 24.90
CA ILE E 52 -12.58 1.79 23.73
C ILE E 52 -13.59 0.72 23.36
N ARG E 53 -14.06 -0.02 24.36
CA ARG E 53 -15.05 -1.07 24.12
C ARG E 53 -16.36 -0.50 23.60
N ARG E 54 -16.77 0.64 24.17
CA ARG E 54 -18.07 1.22 23.83
C ARG E 54 -18.08 1.71 22.38
N TYR E 55 -17.00 2.34 21.93
CA TYR E 55 -17.06 2.82 20.55
C TYR E 55 -16.55 1.81 19.51
N GLN E 56 -15.77 0.80 19.90
CA GLN E 56 -15.63 -0.32 18.97
C GLN E 56 -16.95 -1.06 18.80
N LYS E 57 -17.74 -1.18 19.86
CA LYS E 57 -19.06 -1.76 19.76
C LYS E 57 -19.98 -0.86 18.96
N SER E 58 -19.78 0.45 19.07
CA SER E 58 -20.61 1.41 18.35
C SER E 58 -20.30 1.36 16.87
N THR E 59 -21.28 1.73 16.06
CA THR E 59 -21.08 1.89 14.62
C THR E 59 -21.38 3.29 14.14
N GLU E 60 -21.85 4.19 15.01
CA GLU E 60 -22.36 5.48 14.60
C GLU E 60 -21.21 6.41 14.19
N LEU E 61 -21.58 7.56 13.66
CA LEU E 61 -20.62 8.60 13.33
C LEU E 61 -20.12 9.23 14.62
N LEU E 62 -18.80 9.39 14.74
CA LEU E 62 -18.22 9.90 15.98
C LEU E 62 -17.98 11.40 15.99
N ILE E 63 -18.06 12.04 14.85
CA ILE E 63 -17.79 13.47 14.75
C ILE E 63 -19.12 14.21 14.72
N ARG E 64 -19.17 15.34 15.43
CA ARG E 64 -20.26 16.30 15.29
C ARG E 64 -20.40 16.70 13.82
N LYS E 65 -21.62 16.67 13.30
CA LYS E 65 -21.82 16.70 11.85
C LYS E 65 -21.62 18.10 11.28
N LEU E 66 -22.25 19.10 11.91
CA LEU E 66 -22.27 20.48 11.46
C LEU E 66 -20.88 21.13 11.40
N PRO E 67 -19.99 20.98 12.41
CA PRO E 67 -18.64 21.56 12.22
C PRO E 67 -17.82 20.85 11.16
N PHE E 68 -18.04 19.55 10.96
CA PHE E 68 -17.38 18.86 9.85
C PHE E 68 -17.83 19.46 8.52
N GLN E 69 -19.13 19.72 8.40
CA GLN E 69 -19.65 20.36 7.21
C GLN E 69 -19.02 21.73 7.02
N ARG E 70 -18.90 22.49 8.11
CA ARG E 70 -18.25 23.80 8.04
C ARG E 70 -16.79 23.69 7.61
N LEU E 71 -16.07 22.69 8.12
CA LEU E 71 -14.65 22.57 7.81
C LEU E 71 -14.42 22.16 6.36
N VAL E 72 -15.25 21.25 5.85
CA VAL E 72 -15.07 20.85 4.46
C VAL E 72 -15.48 21.98 3.53
N ARG E 73 -16.47 22.79 3.93
CA ARG E 73 -16.76 24.02 3.18
C ARG E 73 -15.59 24.99 3.23
N GLU E 74 -14.94 25.10 4.40
CA GLU E 74 -13.80 26.00 4.55
C GLU E 74 -12.65 25.60 3.65
N ILE E 75 -12.31 24.32 3.63
CA ILE E 75 -11.21 23.84 2.78
C ILE E 75 -11.60 23.95 1.32
N ALA E 76 -12.89 23.75 1.02
CA ALA E 76 -13.39 23.89 -0.35
C ALA E 76 -13.24 25.32 -0.86
N GLN E 77 -13.51 26.31 0.00
CA GLN E 77 -13.41 27.69 -0.42
C GLN E 77 -11.97 28.12 -0.69
N ASP E 78 -10.99 27.39 -0.15
CA ASP E 78 -9.59 27.61 -0.50
C ASP E 78 -9.25 27.08 -1.89
N PHE E 79 -10.13 26.31 -2.51
CA PHE E 79 -9.86 25.72 -3.83
C PHE E 79 -10.72 26.31 -4.92
N LYS E 80 -12.01 26.51 -4.68
CA LYS E 80 -12.86 27.19 -5.65
C LYS E 80 -13.94 27.92 -4.86
N THR E 81 -14.37 29.07 -5.37
CA THR E 81 -15.25 29.93 -4.59
C THR E 81 -16.72 29.53 -4.75
N ASP E 82 -17.45 29.62 -3.63
CA ASP E 82 -18.89 29.37 -3.56
C ASP E 82 -19.22 27.95 -4.03
N LEU E 83 -18.54 26.97 -3.46
CA LEU E 83 -18.86 25.57 -3.71
C LEU E 83 -19.93 25.11 -2.72
N ARG E 84 -20.76 24.16 -3.16
CA ARG E 84 -21.79 23.57 -2.32
C ARG E 84 -21.60 22.06 -2.25
N PHE E 85 -22.20 21.45 -1.23
CA PHE E 85 -22.05 20.04 -0.95
C PHE E 85 -23.41 19.37 -0.86
N GLN E 86 -23.54 18.20 -1.48
CA GLN E 86 -24.65 17.33 -1.14
C GLN E 86 -24.49 16.86 0.30
N SER E 87 -25.63 16.65 0.97
CA SER E 87 -25.59 16.09 2.32
C SER E 87 -24.94 14.72 2.32
N SER E 88 -25.19 13.93 1.27
CA SER E 88 -24.58 12.61 1.18
C SER E 88 -23.08 12.68 0.97
N ALA E 89 -22.59 13.69 0.24
CA ALA E 89 -21.16 13.88 0.10
C ALA E 89 -20.52 14.20 1.45
N VAL E 90 -21.20 15.02 2.25
CA VAL E 90 -20.75 15.32 3.61
C VAL E 90 -20.76 14.05 4.45
N MET E 91 -21.77 13.20 4.28
CA MET E 91 -21.81 11.90 4.96
C MET E 91 -20.60 11.05 4.60
N ALA E 92 -20.31 10.95 3.31
CA ALA E 92 -19.27 10.04 2.83
C ALA E 92 -17.88 10.54 3.23
N LEU E 93 -17.65 11.85 3.11
CA LEU E 93 -16.43 12.43 3.65
C LEU E 93 -16.32 12.24 5.15
N GLN E 94 -17.45 12.29 5.86
CA GLN E 94 -17.40 12.05 7.30
C GLN E 94 -16.94 10.63 7.62
N GLU E 95 -17.55 9.63 7.01
CA GLU E 95 -17.19 8.26 7.34
C GLU E 95 -15.79 7.93 6.84
N ALA E 96 -15.38 8.51 5.70
CA ALA E 96 -14.04 8.27 5.19
C ALA E 96 -12.98 8.93 6.05
N SER E 97 -13.25 10.16 6.50
CA SER E 97 -12.30 10.87 7.35
C SER E 97 -12.12 10.14 8.67
N GLU E 98 -13.24 9.73 9.28
CA GLU E 98 -13.12 9.05 10.57
C GLU E 98 -12.47 7.69 10.40
N ALA E 99 -12.72 7.00 9.28
CA ALA E 99 -12.14 5.68 9.09
C ALA E 99 -10.66 5.76 8.76
N TYR E 100 -10.26 6.76 7.98
CA TYR E 100 -8.83 6.97 7.74
C TYR E 100 -8.12 7.31 9.03
N LEU E 101 -8.74 8.12 9.87
CA LEU E 101 -8.14 8.38 11.18
C LEU E 101 -8.07 7.12 12.02
N VAL E 102 -9.09 6.26 11.95
CA VAL E 102 -9.05 4.97 12.67
C VAL E 102 -7.90 4.12 12.15
N GLY E 103 -7.68 4.12 10.84
CA GLY E 103 -6.56 3.37 10.29
C GLY E 103 -5.21 3.89 10.78
N LEU E 104 -5.07 5.22 10.83
CA LEU E 104 -3.88 5.82 11.43
C LEU E 104 -3.75 5.47 12.91
N PHE E 105 -4.85 5.37 13.65
CA PHE E 105 -4.65 5.02 15.06
C PHE E 105 -4.41 3.53 15.28
N GLU E 106 -4.86 2.65 14.39
CA GLU E 106 -4.40 1.27 14.50
C GLU E 106 -2.90 1.17 14.20
N ASP E 107 -2.44 1.92 13.20
CA ASP E 107 -1.01 1.98 12.92
C ASP E 107 -0.26 2.61 14.08
N THR E 108 -0.88 3.63 14.70
CA THR E 108 -0.34 4.27 15.88
C THR E 108 -0.24 3.28 17.03
N ASN E 109 -1.24 2.44 17.20
CA ASN E 109 -1.24 1.45 18.26
C ASN E 109 -0.11 0.45 18.06
N LEU E 110 0.06 -0.02 16.82
CA LEU E 110 1.14 -0.95 16.51
C LEU E 110 2.50 -0.33 16.78
N ALA E 111 2.69 0.92 16.36
CA ALA E 111 3.95 1.61 16.60
C ALA E 111 4.16 1.86 18.09
N ALA E 112 3.10 2.20 18.82
CA ALA E 112 3.22 2.56 20.22
C ALA E 112 3.58 1.35 21.07
N ILE E 113 2.93 0.20 20.82
CA ILE E 113 3.32 -1.00 21.54
C ILE E 113 4.69 -1.46 21.09
N HIS E 114 5.05 -1.17 19.83
CA HIS E 114 6.41 -1.43 19.37
C HIS E 114 7.40 -0.52 20.08
N ALA E 115 6.98 0.68 20.43
CA ALA E 115 7.79 1.58 21.23
C ALA E 115 7.67 1.33 22.71
N LYS E 116 6.97 0.26 23.10
CA LYS E 116 6.79 -0.16 24.49
C LYS E 116 6.08 0.90 25.33
N ARG E 117 5.27 1.73 24.73
CA ARG E 117 4.58 2.79 25.46
C ARG E 117 3.09 2.54 25.48
N VAL E 118 2.47 2.86 26.61
CA VAL E 118 1.03 2.94 26.68
C VAL E 118 0.52 4.34 26.41
N THR E 119 1.35 5.37 26.55
CA THR E 119 1.03 6.72 26.10
C THR E 119 1.69 6.95 24.75
N ILE E 120 0.87 7.26 23.76
CA ILE E 120 1.36 7.47 22.40
C ILE E 120 1.90 8.88 22.26
N MET E 121 2.84 9.06 21.34
CA MET E 121 3.39 10.37 20.99
C MET E 121 3.22 10.60 19.50
N PRO E 122 3.16 11.86 19.05
CA PRO E 122 2.99 12.12 17.60
C PRO E 122 4.12 11.63 16.72
N LYS E 123 5.33 11.41 17.27
CA LYS E 123 6.39 10.79 16.48
C LYS E 123 6.03 9.37 16.06
N ASP E 124 5.21 8.67 16.85
CA ASP E 124 4.75 7.35 16.44
C ASP E 124 3.83 7.45 15.23
N ILE E 125 2.92 8.42 15.25
CA ILE E 125 2.07 8.69 14.10
C ILE E 125 2.91 9.11 12.91
N GLN E 126 3.96 9.89 13.15
CA GLN E 126 4.82 10.32 12.05
C GLN E 126 5.56 9.14 11.43
N LEU E 127 6.07 8.22 12.26
CA LEU E 127 6.70 7.02 11.74
C LEU E 127 5.70 6.18 10.96
N ALA E 128 4.46 6.09 11.47
CA ALA E 128 3.41 5.34 10.81
C ALA E 128 3.07 5.93 9.45
N ARG E 129 3.01 7.26 9.38
CA ARG E 129 2.80 7.93 8.11
C ARG E 129 3.97 7.65 7.17
N ARG E 130 5.19 7.67 7.69
CA ARG E 130 6.37 7.47 6.85
C ARG E 130 6.41 6.06 6.29
N ILE E 131 6.05 5.06 7.09
CA ILE E 131 6.10 3.67 6.61
C ILE E 131 4.92 3.38 5.70
N ARG E 132 3.76 4.04 5.93
CA ARG E 132 2.55 3.72 5.18
C ARG E 132 2.66 4.00 3.70
N GLY E 133 3.61 4.83 3.29
CA GLY E 133 3.83 5.07 1.87
C GLY E 133 3.25 6.36 1.35
N GLU E 134 3.50 7.48 2.03
CA GLU E 134 3.06 8.77 1.53
C GLU E 134 4.16 9.43 0.74
N LYS F 21 -18.74 36.01 5.90
CA LYS F 21 -18.81 35.15 4.71
C LYS F 21 -17.80 34.02 4.81
N VAL F 22 -16.52 34.36 4.76
CA VAL F 22 -15.48 33.35 4.79
C VAL F 22 -15.31 32.80 6.21
N LEU F 23 -14.70 31.62 6.29
CA LEU F 23 -14.42 30.97 7.57
C LEU F 23 -12.93 30.75 7.67
N ARG F 24 -12.38 31.01 8.84
CA ARG F 24 -10.92 30.95 9.01
C ARG F 24 -10.48 29.83 9.93
N ASP F 25 -11.35 29.32 10.81
CA ASP F 25 -10.98 28.23 11.70
C ASP F 25 -12.25 27.41 11.94
N ASN F 26 -12.34 26.26 11.27
CA ASN F 26 -13.28 25.22 11.64
C ASN F 26 -12.59 23.91 11.98
N ILE F 27 -11.26 23.84 11.84
CA ILE F 27 -10.54 22.62 12.14
C ILE F 27 -10.61 22.31 13.64
N GLN F 28 -10.70 23.35 14.48
CA GLN F 28 -10.94 23.15 15.89
C GLN F 28 -12.34 22.63 16.18
N GLY F 29 -13.26 22.70 15.21
CA GLY F 29 -14.55 22.04 15.35
C GLY F 29 -14.48 20.53 15.34
N ILE F 30 -13.39 19.97 14.82
CA ILE F 30 -13.10 18.55 15.00
C ILE F 30 -12.45 18.48 16.38
N THR F 31 -13.29 18.34 17.40
CA THR F 31 -12.89 18.71 18.74
C THR F 31 -11.96 17.68 19.37
N LYS F 32 -11.22 18.16 20.37
CA LYS F 32 -10.41 17.34 21.27
C LYS F 32 -11.13 16.13 21.87
N PRO F 33 -12.37 16.24 22.40
CA PRO F 33 -13.09 15.01 22.73
C PRO F 33 -13.35 14.11 21.54
N ALA F 34 -13.65 14.69 20.37
CA ALA F 34 -13.95 13.86 19.20
C ALA F 34 -12.72 13.10 18.72
N ILE F 35 -11.56 13.75 18.76
CA ILE F 35 -10.31 13.06 18.44
C ILE F 35 -10.04 11.97 19.47
N ARG F 36 -10.36 12.23 20.75
CA ARG F 36 -10.23 11.18 21.74
C ARG F 36 -11.15 10.01 21.44
N ARG F 37 -12.37 10.27 20.98
CA ARG F 37 -13.27 9.17 20.64
C ARG F 37 -12.75 8.37 19.46
N LEU F 38 -12.19 9.05 18.46
CA LEU F 38 -11.63 8.38 17.31
C LEU F 38 -10.49 7.46 17.71
N ALA F 39 -9.63 7.92 18.60
CA ALA F 39 -8.53 7.06 19.04
C ALA F 39 -9.03 5.95 19.97
N ARG F 40 -10.14 6.20 20.70
CA ARG F 40 -10.77 5.13 21.46
C ARG F 40 -11.31 4.04 20.54
N ARG F 41 -11.75 4.40 19.34
CA ARG F 41 -12.11 3.37 18.38
C ARG F 41 -10.90 2.55 17.96
N GLY F 42 -9.76 3.19 17.75
CA GLY F 42 -8.58 2.47 17.36
C GLY F 42 -7.90 1.69 18.47
N GLY F 43 -8.39 1.78 19.70
CA GLY F 43 -7.76 1.07 20.79
C GLY F 43 -6.68 1.83 21.51
N VAL F 44 -6.55 3.12 21.25
CA VAL F 44 -5.57 3.93 21.95
C VAL F 44 -6.08 4.19 23.35
N LYS F 45 -5.25 3.88 24.34
CA LYS F 45 -5.72 3.96 25.71
C LYS F 45 -5.29 5.26 26.39
N ARG F 46 -4.17 5.83 25.97
CA ARG F 46 -3.65 7.07 26.56
C ARG F 46 -3.12 7.95 25.45
N ILE F 47 -3.45 9.24 25.49
CA ILE F 47 -3.16 10.16 24.40
C ILE F 47 -2.45 11.37 24.97
N SER F 48 -1.24 11.65 24.51
CA SER F 48 -0.60 12.88 24.95
C SER F 48 -1.22 14.06 24.21
N GLY F 49 -0.97 15.26 24.74
CA GLY F 49 -1.58 16.46 24.20
C GLY F 49 -1.01 16.89 22.86
N LEU F 50 0.14 16.38 22.47
CA LEU F 50 0.74 16.79 21.22
C LEU F 50 0.03 16.21 20.00
N ILE F 51 -0.63 15.05 20.16
CA ILE F 51 -1.16 14.29 19.03
C ILE F 51 -2.33 14.98 18.36
N TYR F 52 -3.22 15.61 19.14
CA TYR F 52 -4.49 16.12 18.61
C TYR F 52 -4.29 17.15 17.51
N GLU F 53 -3.32 18.05 17.71
CA GLU F 53 -3.11 19.11 16.72
C GLU F 53 -2.52 18.55 15.44
N GLU F 54 -1.62 17.57 15.55
CA GLU F 54 -1.03 16.98 14.36
C GLU F 54 -2.03 16.07 13.64
N THR F 55 -2.94 15.45 14.37
CA THR F 55 -4.00 14.70 13.69
C THR F 55 -4.95 15.63 12.98
N ARG F 56 -5.25 16.79 13.57
CA ARG F 56 -6.00 17.82 12.84
C ARG F 56 -5.25 18.25 11.59
N GLY F 57 -3.92 18.39 11.70
CA GLY F 57 -3.13 18.77 10.54
C GLY F 57 -3.12 17.72 9.44
N VAL F 58 -2.95 16.44 9.80
CA VAL F 58 -2.89 15.40 8.78
C VAL F 58 -4.29 15.12 8.24
N LEU F 59 -5.32 15.40 9.04
CA LEU F 59 -6.68 15.34 8.52
C LEU F 59 -6.92 16.47 7.54
N LYS F 60 -6.36 17.65 7.83
CA LYS F 60 -6.39 18.75 6.88
C LYS F 60 -5.68 18.38 5.60
N VAL F 61 -4.54 17.69 5.71
CA VAL F 61 -3.80 17.23 4.54
C VAL F 61 -4.60 16.19 3.76
N PHE F 62 -5.17 15.21 4.46
CA PHE F 62 -5.91 14.15 3.79
C PHE F 62 -7.18 14.66 3.14
N LEU F 63 -7.94 15.49 3.86
CA LEU F 63 -9.12 16.10 3.26
C LEU F 63 -8.74 17.07 2.16
N GLU F 64 -7.57 17.69 2.27
CA GLU F 64 -7.06 18.54 1.20
C GLU F 64 -6.79 17.70 -0.05
N ASN F 65 -6.19 16.54 0.13
CA ASN F 65 -5.92 15.63 -0.99
C ASN F 65 -7.21 15.12 -1.61
N VAL F 66 -8.16 14.71 -0.77
CA VAL F 66 -9.42 14.16 -1.27
C VAL F 66 -10.27 15.24 -1.92
N ILE F 67 -10.35 16.42 -1.30
CA ILE F 67 -11.25 17.43 -1.80
C ILE F 67 -10.63 18.17 -2.98
N ARG F 68 -9.30 18.12 -3.12
CA ARG F 68 -8.68 18.62 -4.34
C ARG F 68 -9.06 17.75 -5.51
N ASP F 69 -9.02 16.43 -5.29
CA ASP F 69 -9.51 15.48 -6.27
C ASP F 69 -10.99 15.72 -6.53
N ALA F 70 -11.75 16.02 -5.47
CA ALA F 70 -13.19 16.18 -5.60
C ALA F 70 -13.56 17.41 -6.40
N VAL F 71 -12.90 18.55 -6.13
CA VAL F 71 -13.18 19.74 -6.91
C VAL F 71 -12.69 19.56 -8.33
N THR F 72 -11.60 18.79 -8.51
CA THR F 72 -11.11 18.54 -9.86
C THR F 72 -12.12 17.70 -10.65
N TYR F 73 -12.69 16.69 -10.00
CA TYR F 73 -13.75 15.89 -10.60
C TYR F 73 -14.97 16.73 -10.92
N THR F 74 -15.42 17.51 -9.95
CA THR F 74 -16.65 18.29 -10.08
C THR F 74 -16.51 19.37 -11.14
N GLU F 75 -15.33 19.99 -11.20
CA GLU F 75 -15.04 20.96 -12.24
C GLU F 75 -15.00 20.24 -13.60
N HIS F 76 -14.47 19.04 -13.63
CA HIS F 76 -14.57 18.26 -14.86
C HIS F 76 -16.00 17.81 -15.11
N ALA F 77 -16.78 17.65 -14.04
CA ALA F 77 -18.21 17.41 -14.23
C ALA F 77 -18.96 18.68 -14.53
N LYS F 78 -18.29 19.84 -14.46
CA LYS F 78 -18.86 21.17 -14.67
C LYS F 78 -20.00 21.46 -13.71
N ARG F 79 -19.97 20.86 -12.54
CA ARG F 79 -20.96 21.12 -11.51
C ARG F 79 -20.37 22.06 -10.48
N LYS F 80 -21.25 22.62 -9.65
CA LYS F 80 -20.84 23.54 -8.61
C LYS F 80 -21.32 23.07 -7.25
N THR F 81 -22.06 21.97 -7.22
CA THR F 81 -22.32 21.23 -5.99
C THR F 81 -21.65 19.87 -6.07
N VAL F 82 -20.84 19.55 -5.06
CA VAL F 82 -20.14 18.28 -5.02
C VAL F 82 -21.13 17.16 -4.73
N THR F 83 -21.03 16.07 -5.49
CA THR F 83 -21.81 14.86 -5.27
C THR F 83 -20.98 13.83 -4.51
N ALA F 84 -21.69 12.90 -3.87
CA ALA F 84 -21.03 11.86 -3.09
C ALA F 84 -20.33 10.86 -3.99
N MET F 85 -20.82 10.71 -5.21
CA MET F 85 -20.19 9.83 -6.19
C MET F 85 -18.81 10.35 -6.61
N ASP F 86 -18.64 11.68 -6.61
CA ASP F 86 -17.30 12.27 -6.71
C ASP F 86 -16.42 11.85 -5.55
N VAL F 87 -16.97 11.84 -4.33
CA VAL F 87 -16.22 11.47 -3.15
C VAL F 87 -15.73 10.03 -3.24
N VAL F 88 -16.63 9.12 -3.63
CA VAL F 88 -16.28 7.71 -3.72
C VAL F 88 -15.22 7.50 -4.79
N TYR F 89 -15.34 8.20 -5.92
CA TYR F 89 -14.35 8.09 -6.98
C TYR F 89 -12.99 8.63 -6.54
N ALA F 90 -12.99 9.76 -5.81
CA ALA F 90 -11.75 10.35 -5.34
C ALA F 90 -11.07 9.46 -4.32
N LEU F 91 -11.85 8.81 -3.47
CA LEU F 91 -11.28 7.86 -2.52
C LEU F 91 -10.77 6.61 -3.24
N LYS F 92 -11.44 6.21 -4.32
CA LYS F 92 -10.97 5.06 -5.08
C LYS F 92 -9.65 5.37 -5.77
N ARG F 93 -9.43 6.62 -6.17
CA ARG F 93 -8.15 6.98 -6.76
C ARG F 93 -7.03 6.87 -5.72
N GLN F 94 -7.28 7.37 -4.52
CA GLN F 94 -6.27 7.45 -3.47
C GLN F 94 -5.95 6.09 -2.87
N GLY F 95 -6.80 5.09 -3.11
CA GLY F 95 -6.54 3.77 -2.59
C GLY F 95 -7.23 3.44 -1.30
N ARG F 96 -8.27 4.17 -0.93
CA ARG F 96 -9.11 3.88 0.22
C ARG F 96 -10.57 3.83 -0.20
N THR F 97 -10.83 2.99 -1.22
CA THR F 97 -12.15 2.81 -1.81
C THR F 97 -13.21 2.53 -0.75
N LEU F 98 -14.23 3.39 -0.73
CA LEU F 98 -15.20 3.43 0.36
C LEU F 98 -16.50 2.81 -0.11
N TYR F 99 -16.97 1.82 0.63
CA TYR F 99 -18.24 1.17 0.37
C TYR F 99 -19.35 1.97 1.00
N GLY F 100 -20.54 1.91 0.41
CA GLY F 100 -21.72 2.50 1.01
C GLY F 100 -22.32 3.66 0.24
N PHE F 101 -21.65 4.19 -0.77
CA PHE F 101 -22.23 5.26 -1.57
C PHE F 101 -21.95 5.14 -3.05
N GLY F 102 -21.39 4.02 -3.49
CA GLY F 102 -21.17 3.81 -4.91
C GLY F 102 -22.47 3.65 -5.66
N GLY F 103 -22.65 4.49 -6.67
CA GLY F 103 -23.87 4.51 -7.45
C GLY F 103 -24.90 5.50 -6.93
N ALA G 28 -0.73 17.16 -56.34
CA ALA G 28 -1.71 16.08 -56.28
C ALA G 28 -1.88 15.58 -54.84
N ARG G 29 -0.91 15.91 -53.98
CA ARG G 29 -0.94 15.47 -52.60
C ARG G 29 -0.19 16.48 -51.73
N ALA G 30 -0.69 16.67 -50.51
CA ALA G 30 -0.01 17.52 -49.54
C ALA G 30 1.28 16.86 -49.06
N LYS G 31 2.27 17.69 -48.76
CA LYS G 31 3.55 17.19 -48.27
C LYS G 31 3.38 16.62 -46.87
N ALA G 32 4.11 15.55 -46.58
CA ALA G 32 3.94 14.85 -45.31
C ALA G 32 4.51 15.66 -44.15
N LYS G 33 3.67 15.89 -43.14
CA LYS G 33 4.00 16.77 -42.02
C LYS G 33 3.46 16.15 -40.75
N THR G 34 4.35 15.84 -39.81
CA THR G 34 3.88 15.16 -38.61
C THR G 34 3.24 16.14 -37.65
N ARG G 35 2.33 15.59 -36.82
CA ARG G 35 1.62 16.39 -35.84
C ARG G 35 2.54 16.87 -34.73
N SER G 36 3.61 16.13 -34.46
CA SER G 36 4.57 16.55 -33.44
C SER G 36 5.31 17.81 -33.84
N SER G 37 5.75 17.89 -35.10
CA SER G 37 6.41 19.10 -35.57
C SER G 37 5.42 20.25 -35.69
N ARG G 38 4.15 19.94 -35.93
CA ARG G 38 3.11 20.95 -35.86
C ARG G 38 2.99 21.51 -34.46
N ALA G 39 3.08 20.65 -33.46
CA ALA G 39 3.04 21.12 -32.08
C ALA G 39 4.40 21.58 -31.58
N GLY G 40 5.47 21.32 -32.32
CA GLY G 40 6.79 21.60 -31.81
C GLY G 40 7.21 20.71 -30.66
N LEU G 41 6.74 19.47 -30.66
CA LEU G 41 7.11 18.48 -29.66
C LEU G 41 7.85 17.36 -30.38
N GLN G 42 8.75 16.70 -29.66
CA GLN G 42 9.48 15.64 -30.34
C GLN G 42 9.17 14.23 -29.83
N PHE G 43 8.35 14.08 -28.78
CA PHE G 43 7.63 12.82 -28.67
C PHE G 43 6.58 12.72 -29.76
N PRO G 44 6.41 11.54 -30.33
CA PRO G 44 5.54 11.38 -31.50
C PRO G 44 4.07 11.34 -31.13
N VAL G 45 3.32 12.31 -31.65
CA VAL G 45 1.89 12.43 -31.35
C VAL G 45 1.12 11.25 -31.93
N GLY G 46 1.46 10.84 -33.15
CA GLY G 46 0.78 9.71 -33.76
C GLY G 46 1.01 8.41 -33.01
N ARG G 47 2.20 8.24 -32.44
CA ARG G 47 2.49 7.02 -31.69
C ARG G 47 1.67 6.93 -30.41
N VAL G 48 1.61 8.02 -29.65
CA VAL G 48 0.84 8.01 -28.40
C VAL G 48 -0.66 7.92 -28.71
N HIS G 49 -1.11 8.56 -29.80
CA HIS G 49 -2.49 8.42 -30.23
C HIS G 49 -2.80 6.97 -30.60
N ARG G 50 -1.91 6.31 -31.34
CA ARG G 50 -2.08 4.93 -31.72
C ARG G 50 -2.15 4.02 -30.49
N LEU G 51 -1.25 4.27 -29.53
CA LEU G 51 -1.15 3.43 -28.35
C LEU G 51 -2.33 3.66 -27.41
N LEU G 52 -2.93 4.85 -27.46
CA LEU G 52 -4.16 5.10 -26.72
C LEU G 52 -5.36 4.46 -27.40
N ARG G 53 -5.41 4.49 -28.74
CA ARG G 53 -6.51 3.88 -29.46
C ARG G 53 -6.54 2.37 -29.25
N LYS G 54 -5.38 1.71 -29.31
CA LYS G 54 -5.31 0.28 -29.08
C LYS G 54 -4.89 -0.08 -27.67
N GLY G 55 -4.76 0.89 -26.76
CA GLY G 55 -4.72 0.59 -25.36
C GLY G 55 -6.08 0.39 -24.74
N ASN G 56 -7.12 0.78 -25.47
CA ASN G 56 -8.54 0.61 -25.10
C ASN G 56 -8.85 1.27 -23.76
N TYR G 57 -8.84 2.59 -23.73
CA TYR G 57 -9.24 3.37 -22.56
C TYR G 57 -10.58 4.05 -22.79
N SER G 58 -10.91 4.34 -24.04
CA SER G 58 -12.24 4.74 -24.46
C SER G 58 -12.36 4.41 -25.94
N GLU G 59 -13.59 4.45 -26.44
CA GLU G 59 -13.75 4.24 -27.88
C GLU G 59 -13.45 5.52 -28.67
N ARG G 60 -13.40 6.68 -28.01
CA ARG G 60 -13.08 7.93 -28.66
C ARG G 60 -11.97 8.65 -27.89
N VAL G 61 -11.15 9.40 -28.62
CA VAL G 61 -10.07 10.19 -28.04
C VAL G 61 -10.09 11.57 -28.68
N GLY G 62 -10.13 12.62 -27.86
CA GLY G 62 -10.06 13.97 -28.38
C GLY G 62 -8.73 14.27 -29.03
N ALA G 63 -8.76 15.17 -30.02
CA ALA G 63 -7.58 15.42 -30.83
C ALA G 63 -6.48 16.12 -30.02
N GLY G 64 -6.87 16.91 -29.03
CA GLY G 64 -5.87 17.50 -28.16
C GLY G 64 -5.32 16.57 -27.11
N ALA G 65 -5.98 15.43 -26.90
CA ALA G 65 -5.55 14.52 -25.84
C ALA G 65 -4.16 13.94 -26.06
N PRO G 66 -3.80 13.34 -27.22
CA PRO G 66 -2.46 12.75 -27.31
C PRO G 66 -1.35 13.77 -27.37
N VAL G 67 -1.58 14.91 -28.01
CA VAL G 67 -0.57 15.96 -28.03
C VAL G 67 -0.37 16.55 -26.63
N TYR G 68 -1.47 16.64 -25.86
CA TYR G 68 -1.37 17.06 -24.47
C TYR G 68 -0.54 16.07 -23.67
N LEU G 69 -0.79 14.78 -23.87
CA LEU G 69 -0.08 13.74 -23.15
C LEU G 69 1.40 13.70 -23.55
N ALA G 70 1.69 13.89 -24.83
CA ALA G 70 3.06 13.91 -25.31
C ALA G 70 3.80 15.12 -24.76
N ALA G 71 3.10 16.25 -24.63
CA ALA G 71 3.73 17.42 -24.02
C ALA G 71 4.04 17.17 -22.55
N VAL G 72 3.11 16.53 -21.83
CA VAL G 72 3.35 16.21 -20.42
C VAL G 72 4.55 15.29 -20.28
N LEU G 73 4.60 14.23 -21.08
CA LEU G 73 5.71 13.29 -21.05
C LEU G 73 7.02 13.95 -21.44
N GLU G 74 7.00 14.87 -22.41
CA GLU G 74 8.23 15.53 -22.80
C GLU G 74 8.75 16.43 -21.69
N TYR G 75 7.85 17.11 -20.97
CA TYR G 75 8.29 17.89 -19.82
C TYR G 75 8.86 16.97 -18.74
N LEU G 76 8.22 15.81 -18.53
CA LEU G 76 8.72 14.87 -17.52
C LEU G 76 10.11 14.35 -17.85
N THR G 77 10.30 13.91 -19.10
CA THR G 77 11.59 13.39 -19.54
C THR G 77 12.66 14.47 -19.59
N ALA G 78 12.28 15.70 -19.98
CA ALA G 78 13.25 16.79 -20.00
C ALA G 78 13.71 17.12 -18.59
N GLU G 79 12.77 17.13 -17.63
CA GLU G 79 13.12 17.39 -16.24
C GLU G 79 14.04 16.29 -15.70
N ILE G 80 13.70 15.03 -15.96
CA ILE G 80 14.48 13.94 -15.40
C ILE G 80 15.84 13.82 -16.08
N LEU G 81 15.93 14.17 -17.37
CA LEU G 81 17.23 14.12 -18.01
C LEU G 81 18.09 15.31 -17.64
N GLU G 82 17.47 16.45 -17.31
CA GLU G 82 18.23 17.55 -16.71
C GLU G 82 18.83 17.14 -15.38
N LEU G 83 18.02 16.51 -14.52
CA LEU G 83 18.54 16.05 -13.23
C LEU G 83 19.62 14.99 -13.41
N ALA G 84 19.43 14.06 -14.35
CA ALA G 84 20.42 13.03 -14.62
C ALA G 84 21.71 13.64 -15.18
N GLY G 85 21.60 14.66 -16.03
CA GLY G 85 22.77 15.30 -16.57
C GLY G 85 23.58 16.03 -15.53
N ASN G 86 22.90 16.74 -14.62
CA ASN G 86 23.63 17.40 -13.53
C ASN G 86 24.25 16.37 -12.58
N ALA G 87 23.53 15.26 -12.32
CA ALA G 87 24.09 14.21 -11.48
C ALA G 87 25.33 13.57 -12.12
N ALA G 88 25.29 13.36 -13.43
CA ALA G 88 26.43 12.78 -14.14
C ALA G 88 27.60 13.74 -14.19
N ARG G 89 27.31 15.04 -14.33
CA ARG G 89 28.37 16.05 -14.30
C ARG G 89 29.01 16.09 -12.92
N ASP G 90 28.21 15.96 -11.86
CA ASP G 90 28.77 15.92 -10.52
C ASP G 90 29.51 14.62 -10.27
N ASN G 91 29.15 13.55 -10.97
CA ASN G 91 29.90 12.31 -10.91
C ASN G 91 30.96 12.29 -12.02
N LYS G 92 31.06 13.40 -12.77
CA LYS G 92 32.03 13.66 -13.86
C LYS G 92 32.13 12.51 -14.85
N LYS G 93 31.02 11.81 -15.08
CA LYS G 93 30.92 10.79 -16.11
C LYS G 93 30.07 11.34 -17.24
N THR G 94 30.47 11.04 -18.47
CA THR G 94 29.81 11.61 -19.64
C THR G 94 28.47 10.95 -19.95
N ARG G 95 28.33 9.67 -19.66
CA ARG G 95 27.12 8.94 -20.01
C ARG G 95 26.33 8.58 -18.75
N ILE G 96 25.01 8.68 -18.83
CA ILE G 96 24.18 8.45 -17.66
C ILE G 96 24.11 6.96 -17.36
N ILE G 97 23.97 6.64 -16.09
CA ILE G 97 23.99 5.28 -15.57
C ILE G 97 22.72 5.23 -14.73
N PRO G 98 22.11 4.07 -14.45
CA PRO G 98 20.92 4.07 -13.60
C PRO G 98 21.15 4.54 -12.18
N ARG G 99 22.40 4.56 -11.73
CA ARG G 99 22.71 5.24 -10.47
C ARG G 99 22.37 6.71 -10.55
N HIS G 100 22.68 7.34 -11.70
CA HIS G 100 22.31 8.74 -11.90
C HIS G 100 20.80 8.92 -11.88
N LEU G 101 20.06 7.98 -12.45
CA LEU G 101 18.62 8.10 -12.45
C LEU G 101 18.04 7.91 -11.05
N GLN G 102 18.61 7.00 -10.27
CA GLN G 102 18.20 6.83 -8.89
C GLN G 102 18.47 8.08 -8.07
N LEU G 103 19.64 8.69 -8.27
CA LEU G 103 19.95 9.95 -7.60
C LEU G 103 19.01 11.06 -8.05
N ALA G 104 18.64 11.05 -9.33
CA ALA G 104 17.74 12.08 -9.85
C ALA G 104 16.34 11.94 -9.26
N ILE G 105 15.83 10.72 -9.15
CA ILE G 105 14.48 10.52 -8.61
C ILE G 105 14.45 10.80 -7.11
N ARG G 106 15.42 10.26 -6.36
CA ARG G 106 15.31 10.31 -4.91
C ARG G 106 15.61 11.71 -4.37
N ASN G 107 16.37 12.52 -5.10
CA ASN G 107 16.69 13.87 -4.64
C ASN G 107 15.62 14.88 -5.01
N ASP G 108 14.51 14.46 -5.59
CA ASP G 108 13.41 15.35 -5.94
C ASP G 108 12.17 14.92 -5.19
N GLU G 109 11.45 15.89 -4.63
CA GLU G 109 10.31 15.58 -3.78
C GLU G 109 9.12 15.08 -4.60
N GLU G 110 8.71 15.85 -5.60
CA GLU G 110 7.51 15.50 -6.36
C GLU G 110 7.75 14.29 -7.25
N LEU G 111 8.99 13.99 -7.59
CA LEU G 111 9.27 12.76 -8.32
C LEU G 111 9.12 11.54 -7.42
N ASN G 112 9.49 11.67 -6.15
CA ASN G 112 9.21 10.63 -5.17
C ASN G 112 7.71 10.52 -4.92
N LYS G 113 7.00 11.64 -5.02
CA LYS G 113 5.54 11.61 -5.00
C LYS G 113 5.01 10.83 -6.19
N LEU G 114 5.65 10.99 -7.35
CA LEU G 114 5.22 10.31 -8.56
C LEU G 114 5.57 8.83 -8.54
N LEU G 115 6.77 8.48 -8.07
CA LEU G 115 7.28 7.12 -8.15
C LEU G 115 7.66 6.53 -6.80
N GLY G 116 6.76 6.62 -5.82
CA GLY G 116 7.05 6.05 -4.52
C GLY G 116 7.16 4.53 -4.55
N ARG G 117 6.41 3.88 -5.44
CA ARG G 117 6.34 2.43 -5.49
C ARG G 117 7.06 1.85 -6.71
N VAL G 118 8.15 2.47 -7.14
CA VAL G 118 8.82 2.11 -8.38
C VAL G 118 10.22 1.59 -8.09
N THR G 119 10.55 0.45 -8.70
CA THR G 119 11.88 -0.14 -8.61
C THR G 119 12.71 0.26 -9.83
N ILE G 120 13.96 0.66 -9.61
CA ILE G 120 14.89 1.02 -10.66
C ILE G 120 15.99 -0.04 -10.70
N ALA G 121 16.24 -0.60 -11.88
CA ALA G 121 17.23 -1.66 -12.01
C ALA G 121 18.64 -1.10 -11.89
N GLN G 122 19.39 -1.67 -10.94
CA GLN G 122 20.79 -1.33 -10.65
C GLN G 122 20.97 0.14 -10.28
N GLY G 123 19.92 0.77 -9.77
CA GLY G 123 20.02 2.14 -9.32
C GLY G 123 20.47 2.21 -7.88
N GLY G 124 20.28 1.10 -7.16
CA GLY G 124 20.61 1.12 -5.75
C GLY G 124 19.64 1.99 -4.98
N VAL G 125 20.18 2.64 -3.95
CA VAL G 125 19.41 3.55 -3.12
C VAL G 125 20.17 4.87 -3.03
N LEU G 126 19.45 5.92 -2.70
CA LEU G 126 20.06 7.20 -2.42
C LEU G 126 20.93 7.06 -1.18
N PRO G 127 22.07 7.76 -1.09
CA PRO G 127 22.85 7.74 0.15
C PRO G 127 22.03 8.34 1.29
N ASN G 128 21.54 7.46 2.15
CA ASN G 128 20.62 7.86 3.22
C ASN G 128 21.08 7.13 4.49
N ILE G 129 21.95 7.78 5.24
CA ILE G 129 22.33 7.29 6.55
C ILE G 129 21.60 8.10 7.61
N GLN G 130 20.97 7.40 8.55
CA GLN G 130 20.23 8.09 9.60
C GLN G 130 21.20 8.78 10.55
N ALA G 131 20.71 9.81 11.23
CA ALA G 131 21.57 10.66 12.04
C ALA G 131 22.15 9.90 13.22
N VAL G 132 21.42 8.91 13.73
CA VAL G 132 21.89 8.17 14.91
C VAL G 132 22.98 7.18 14.53
N LEU G 133 23.03 6.78 13.25
CA LEU G 133 24.00 5.77 12.83
C LEU G 133 25.43 6.30 12.81
N LEU G 134 25.59 7.61 12.63
CA LEU G 134 26.92 8.21 12.64
C LEU G 134 27.49 8.14 14.05
N PRO G 135 28.81 8.05 14.21
CA PRO G 135 29.39 8.06 15.56
C PRO G 135 29.32 9.45 16.18
N LYS G 136 29.57 9.49 17.48
CA LYS G 136 29.46 10.68 18.33
C LYS G 136 28.07 11.30 18.24
N LYS H 31 15.92 -13.84 -39.68
CA LYS H 31 14.76 -12.95 -39.68
C LYS H 31 14.34 -12.60 -38.26
N ARG H 32 14.33 -11.30 -37.96
CA ARG H 32 13.97 -10.79 -36.65
C ARG H 32 12.80 -9.83 -36.78
N SER H 33 11.94 -9.82 -35.76
CA SER H 33 10.79 -8.92 -35.71
C SER H 33 11.13 -7.70 -34.85
N ARG H 34 10.71 -6.54 -35.31
CA ARG H 34 11.07 -5.29 -34.64
C ARG H 34 10.32 -5.14 -33.33
N LYS H 35 11.03 -4.74 -32.28
CA LYS H 35 10.43 -4.41 -30.99
C LYS H 35 10.49 -2.91 -30.79
N GLU H 36 9.34 -2.27 -30.64
CA GLU H 36 9.27 -0.83 -30.61
C GLU H 36 9.58 -0.30 -29.21
N SER H 37 10.24 0.86 -29.17
CA SER H 37 10.66 1.50 -27.93
C SER H 37 10.65 3.00 -28.12
N TYR H 38 11.16 3.71 -27.12
CA TYR H 38 11.24 5.16 -27.13
C TYR H 38 12.67 5.66 -27.29
N SER H 39 13.48 5.02 -28.14
CA SER H 39 14.91 5.26 -28.16
C SER H 39 15.25 6.66 -28.69
N VAL H 40 14.94 6.92 -29.96
CA VAL H 40 15.46 8.13 -30.59
C VAL H 40 14.81 9.37 -29.99
N TYR H 41 13.62 9.22 -29.40
CA TYR H 41 12.94 10.38 -28.82
C TYR H 41 13.60 10.81 -27.52
N VAL H 42 13.91 9.86 -26.65
CA VAL H 42 14.57 10.20 -25.40
C VAL H 42 16.00 10.66 -25.68
N TYR H 43 16.64 10.08 -26.71
CA TYR H 43 17.96 10.57 -27.09
C TYR H 43 17.89 12.01 -27.62
N LYS H 44 16.83 12.33 -28.37
CA LYS H 44 16.64 13.70 -28.86
C LYS H 44 16.42 14.68 -27.71
N VAL H 45 15.55 14.33 -26.76
CA VAL H 45 15.28 15.25 -25.66
C VAL H 45 16.51 15.38 -24.76
N LEU H 46 17.33 14.33 -24.72
CA LEU H 46 18.59 14.43 -23.98
C LEU H 46 19.55 15.41 -24.63
N LYS H 47 19.76 15.28 -25.94
CA LYS H 47 20.67 16.19 -26.63
C LYS H 47 20.15 17.62 -26.63
N GLN H 48 18.83 17.79 -26.63
CA GLN H 48 18.27 19.13 -26.46
C GLN H 48 18.46 19.65 -25.05
N VAL H 49 18.46 18.77 -24.05
CA VAL H 49 18.61 19.27 -22.69
C VAL H 49 20.07 19.25 -22.27
N HIS H 50 20.86 18.33 -22.82
CA HIS H 50 22.30 18.24 -22.57
C HIS H 50 22.96 17.66 -23.81
N PRO H 51 23.60 18.50 -24.62
CA PRO H 51 24.22 17.97 -25.86
C PRO H 51 25.42 17.08 -25.59
N ASP H 52 26.14 17.30 -24.49
CA ASP H 52 27.40 16.63 -24.23
C ASP H 52 27.29 15.46 -23.25
N THR H 53 26.08 15.06 -22.88
CA THR H 53 25.88 13.96 -21.95
C THR H 53 25.34 12.74 -22.70
N GLY H 54 25.94 11.58 -22.45
CA GLY H 54 25.56 10.36 -23.12
C GLY H 54 24.60 9.51 -22.31
N ILE H 55 24.43 8.26 -22.78
CA ILE H 55 23.53 7.31 -22.12
C ILE H 55 24.23 5.96 -22.01
N SER H 56 23.79 5.17 -21.04
CA SER H 56 23.97 3.73 -21.04
C SER H 56 22.68 3.06 -21.50
N SER H 57 22.80 1.79 -21.91
CA SER H 57 21.62 1.08 -22.41
C SER H 57 20.66 0.72 -21.27
N LYS H 58 21.22 0.41 -20.10
CA LYS H 58 20.38 0.07 -18.94
C LYS H 58 19.56 1.27 -18.48
N ALA H 59 20.19 2.44 -18.40
CA ALA H 59 19.47 3.66 -18.07
C ALA H 59 18.44 4.00 -19.12
N MET H 60 18.73 3.66 -20.38
CA MET H 60 17.79 3.89 -21.46
C MET H 60 16.56 3.00 -21.31
N GLY H 61 16.76 1.76 -20.87
CA GLY H 61 15.63 0.91 -20.52
C GLY H 61 14.84 1.45 -19.35
N ILE H 62 15.53 2.07 -18.39
CA ILE H 62 14.83 2.70 -17.25
C ILE H 62 13.91 3.80 -17.76
N MET H 63 14.39 4.65 -18.67
CA MET H 63 13.54 5.68 -19.25
C MET H 63 12.39 5.11 -20.08
N ASN H 64 12.63 4.02 -20.81
CA ASN H 64 11.54 3.37 -21.54
C ASN H 64 10.45 2.89 -20.58
N SER H 65 10.86 2.27 -19.47
CA SER H 65 9.90 1.80 -18.49
C SER H 65 9.20 2.96 -17.78
N PHE H 66 9.91 4.08 -17.59
CA PHE H 66 9.30 5.25 -16.97
C PHE H 66 8.21 5.83 -17.85
N VAL H 67 8.49 6.00 -19.14
CA VAL H 67 7.49 6.57 -20.05
C VAL H 67 6.29 5.63 -20.15
N ASN H 68 6.56 4.31 -20.21
CA ASN H 68 5.46 3.34 -20.24
C ASN H 68 4.61 3.38 -18.97
N ASP H 69 5.24 3.47 -17.80
CA ASP H 69 4.50 3.47 -16.54
C ASP H 69 3.66 4.73 -16.39
N ILE H 70 4.23 5.89 -16.71
CA ILE H 70 3.48 7.14 -16.58
C ILE H 70 2.36 7.20 -17.61
N PHE H 71 2.60 6.68 -18.81
CA PHE H 71 1.55 6.59 -19.82
C PHE H 71 0.40 5.72 -19.33
N GLU H 72 0.72 4.57 -18.71
CA GLU H 72 -0.33 3.69 -18.20
C GLU H 72 -1.11 4.35 -17.08
N ARG H 73 -0.43 5.06 -16.18
CA ARG H 73 -1.13 5.75 -15.09
C ARG H 73 -2.09 6.80 -15.61
N ILE H 74 -1.62 7.65 -16.52
CA ILE H 74 -2.45 8.72 -17.06
C ILE H 74 -3.61 8.15 -17.88
N ALA H 75 -3.33 7.14 -18.72
CA ALA H 75 -4.37 6.57 -19.56
C ALA H 75 -5.43 5.85 -18.75
N GLY H 76 -5.03 5.11 -17.71
CA GLY H 76 -6.01 4.45 -16.86
C GLY H 76 -6.85 5.42 -16.06
N GLU H 77 -6.21 6.46 -15.51
CA GLU H 77 -6.97 7.48 -14.79
C GLU H 77 -7.93 8.21 -15.72
N ALA H 78 -7.50 8.49 -16.96
CA ALA H 78 -8.39 9.10 -17.93
C ALA H 78 -9.55 8.19 -18.28
N SER H 79 -9.30 6.89 -18.43
CA SER H 79 -10.35 5.95 -18.75
C SER H 79 -11.38 5.89 -17.63
N ARG H 80 -10.91 5.92 -16.39
CA ARG H 80 -11.85 5.95 -15.27
C ARG H 80 -12.63 7.25 -15.22
N LEU H 81 -12.00 8.38 -15.55
CA LEU H 81 -12.70 9.65 -15.64
C LEU H 81 -13.78 9.64 -16.70
N ALA H 82 -13.50 9.09 -17.87
CA ALA H 82 -14.49 9.01 -18.93
C ALA H 82 -15.62 8.07 -18.53
N HIS H 83 -15.30 7.04 -17.76
CA HIS H 83 -16.31 6.17 -17.17
C HIS H 83 -17.20 6.92 -16.20
N TYR H 84 -16.63 7.85 -15.45
CA TYR H 84 -17.37 8.49 -14.36
C TYR H 84 -18.39 9.50 -14.89
N ASN H 85 -17.99 10.34 -15.84
CA ASN H 85 -18.88 11.37 -16.36
C ASN H 85 -19.70 10.90 -17.55
N LYS H 86 -19.59 9.61 -17.88
CA LYS H 86 -20.34 8.97 -18.97
C LYS H 86 -19.95 9.52 -20.34
N ARG H 87 -18.84 10.23 -20.42
CA ARG H 87 -18.31 10.69 -21.69
C ARG H 87 -17.61 9.53 -22.39
N SER H 88 -17.87 9.41 -23.68
CA SER H 88 -17.29 8.34 -24.48
C SER H 88 -15.92 8.67 -25.02
N THR H 89 -15.38 9.83 -24.66
CA THR H 89 -14.15 10.35 -25.26
C THR H 89 -13.19 10.87 -24.20
N ILE H 90 -11.89 10.80 -24.50
CA ILE H 90 -10.88 11.47 -23.70
C ILE H 90 -10.41 12.69 -24.48
N THR H 91 -10.76 13.87 -23.99
CA THR H 91 -10.26 15.10 -24.57
C THR H 91 -9.02 15.54 -23.81
N SER H 92 -8.49 16.69 -24.20
CA SER H 92 -7.36 17.27 -23.47
C SER H 92 -7.74 17.66 -22.06
N ARG H 93 -9.02 17.96 -21.82
CA ARG H 93 -9.48 18.31 -20.49
C ARG H 93 -9.49 17.11 -19.55
N GLU H 94 -9.75 15.91 -20.08
CA GLU H 94 -9.66 14.71 -19.26
C GLU H 94 -8.25 14.47 -18.75
N ILE H 95 -7.26 14.61 -19.63
CA ILE H 95 -5.87 14.44 -19.20
C ILE H 95 -5.43 15.62 -18.35
N GLN H 96 -6.03 16.80 -18.55
CA GLN H 96 -5.73 17.92 -17.67
C GLN H 96 -6.23 17.62 -16.25
N THR H 97 -7.43 17.07 -16.14
CA THR H 97 -7.92 16.55 -14.87
C THR H 97 -6.99 15.50 -14.28
N ALA H 98 -6.53 14.57 -15.12
CA ALA H 98 -5.71 13.47 -14.62
C ALA H 98 -4.34 13.95 -14.18
N VAL H 99 -3.81 14.99 -14.82
CA VAL H 99 -2.48 15.47 -14.46
C VAL H 99 -2.56 16.33 -13.20
N ARG H 100 -3.68 17.01 -12.95
CA ARG H 100 -3.86 17.56 -11.60
C ARG H 100 -4.06 16.45 -10.57
N LEU H 101 -4.66 15.33 -10.97
CA LEU H 101 -4.88 14.23 -10.03
C LEU H 101 -3.56 13.59 -9.60
N LEU H 102 -2.86 12.94 -10.52
CA LEU H 102 -1.73 12.11 -10.13
C LEU H 102 -0.48 12.92 -9.87
N LEU H 103 -0.10 13.77 -10.79
CA LEU H 103 1.07 14.60 -10.61
C LEU H 103 0.74 15.76 -9.66
N PRO H 104 1.56 16.01 -8.64
CA PRO H 104 1.25 17.04 -7.65
C PRO H 104 1.90 18.38 -7.98
N GLY H 105 1.13 19.46 -7.85
CA GLY H 105 1.65 20.82 -7.78
C GLY H 105 2.42 21.35 -8.98
N GLU H 106 3.67 21.75 -8.73
CA GLU H 106 4.51 22.43 -9.72
C GLU H 106 4.68 21.61 -10.99
N LEU H 107 4.96 20.31 -10.85
CA LEU H 107 5.07 19.44 -12.01
C LEU H 107 3.76 19.41 -12.78
N ALA H 108 2.65 19.34 -12.05
CA ALA H 108 1.34 19.27 -12.68
C ALA H 108 0.99 20.56 -13.41
N LYS H 109 1.18 21.72 -12.76
CA LYS H 109 0.77 22.97 -13.40
C LYS H 109 1.70 23.33 -14.54
N HIS H 110 2.97 22.97 -14.43
CA HIS H 110 3.86 23.26 -15.55
C HIS H 110 3.62 22.31 -16.71
N ALA H 111 3.24 21.06 -16.45
CA ALA H 111 2.79 20.19 -17.53
C ALA H 111 1.50 20.72 -18.15
N VAL H 112 0.64 21.32 -17.32
CA VAL H 112 -0.58 21.96 -17.80
C VAL H 112 -0.23 23.11 -18.75
N SER H 113 0.76 23.91 -18.37
CA SER H 113 1.20 25.02 -19.21
C SER H 113 1.79 24.53 -20.52
N GLU H 114 2.65 23.50 -20.46
CA GLU H 114 3.23 22.90 -21.65
C GLU H 114 2.16 22.36 -22.58
N GLY H 115 1.20 21.63 -22.03
CA GLY H 115 0.14 21.08 -22.85
C GLY H 115 -0.76 22.16 -23.41
N THR H 116 -0.97 23.24 -22.66
CA THR H 116 -1.82 24.33 -23.12
C THR H 116 -1.20 25.03 -24.32
N LYS H 117 0.07 25.41 -24.21
CA LYS H 117 0.71 26.03 -25.36
C LYS H 117 0.89 25.04 -26.49
N ALA H 118 1.05 23.75 -26.16
CA ALA H 118 1.19 22.73 -27.18
C ALA H 118 -0.10 22.57 -28.00
N VAL H 119 -1.25 22.53 -27.32
CA VAL H 119 -2.51 22.36 -28.05
C VAL H 119 -2.87 23.65 -28.80
N THR H 120 -2.48 24.82 -28.29
CA THR H 120 -2.73 26.03 -29.07
C THR H 120 -1.87 26.04 -30.33
N LYS H 121 -0.61 25.60 -30.24
CA LYS H 121 0.22 25.49 -31.43
C LYS H 121 -0.32 24.44 -32.38
N TYR H 122 -0.89 23.36 -31.84
CA TYR H 122 -1.43 22.30 -32.70
C TYR H 122 -2.68 22.77 -33.43
N THR H 123 -3.54 23.52 -32.75
CA THR H 123 -4.70 24.09 -33.43
C THR H 123 -4.30 25.17 -34.40
N SER H 124 -3.21 25.88 -34.14
CA SER H 124 -2.74 26.87 -35.09
C SER H 124 -2.04 26.27 -36.30
N ALA H 125 -1.77 24.97 -36.28
CA ALA H 125 -1.17 24.29 -37.42
C ALA H 125 -2.15 23.30 -38.05
N SER K 35 10.77 -18.56 57.19
CA SER K 35 11.23 -17.39 57.92
C SER K 35 12.70 -17.11 57.63
N GLY K 36 13.56 -17.42 58.59
CA GLY K 36 14.99 -17.23 58.43
C GLY K 36 15.44 -15.81 58.70
N PRO K 37 16.69 -15.50 58.37
CA PRO K 37 17.23 -14.15 58.60
C PRO K 37 16.60 -13.14 57.65
N PRO K 38 16.64 -11.85 57.99
CA PRO K 38 16.08 -10.82 57.10
C PRO K 38 16.86 -10.70 55.80
N VAL K 39 16.14 -10.26 54.76
CA VAL K 39 16.68 -10.28 53.41
C VAL K 39 17.72 -9.19 53.20
N SER K 40 17.72 -8.17 54.06
CA SER K 40 18.70 -7.08 53.92
C SER K 40 20.11 -7.58 54.18
N GLU K 41 20.25 -8.54 55.10
CA GLU K 41 21.54 -9.18 55.34
C GLU K 41 22.02 -9.91 54.09
N LEU K 42 21.08 -10.58 53.40
CA LEU K 42 21.39 -11.23 52.13
C LEU K 42 21.84 -10.22 51.09
N ILE K 43 21.20 -9.04 51.07
CA ILE K 43 21.62 -7.98 50.15
C ILE K 43 23.03 -7.51 50.47
N THR K 44 23.35 -7.36 51.76
CA THR K 44 24.67 -6.89 52.17
C THR K 44 25.76 -7.90 51.80
N LYS K 45 25.54 -9.18 52.06
CA LYS K 45 26.54 -10.17 51.66
C LYS K 45 26.64 -10.29 50.14
N ALA K 46 25.53 -10.13 49.43
CA ALA K 46 25.57 -10.20 47.96
C ALA K 46 26.35 -9.04 47.37
N VAL K 47 26.23 -7.84 47.95
CA VAL K 47 26.97 -6.71 47.40
C VAL K 47 28.41 -6.71 47.88
N ALA K 48 28.68 -7.33 49.04
CA ALA K 48 30.06 -7.43 49.50
C ALA K 48 30.80 -8.60 48.88
N ALA K 49 30.10 -9.52 48.19
CA ALA K 49 30.76 -10.67 47.59
C ALA K 49 31.62 -10.28 46.39
N SER K 50 31.18 -9.30 45.60
CA SER K 50 31.80 -9.07 44.30
C SER K 50 32.88 -8.00 44.33
N LYS K 51 32.52 -6.79 44.76
CA LYS K 51 33.42 -5.65 44.91
C LYS K 51 34.14 -5.30 43.59
N GLU K 52 33.32 -4.90 42.62
CA GLU K 52 33.85 -4.32 41.39
C GLU K 52 34.32 -2.90 41.66
N ARG K 53 35.16 -2.38 40.74
CA ARG K 53 35.62 -0.99 40.84
C ARG K 53 34.46 0.00 40.76
N SER K 54 33.44 -0.31 39.98
CA SER K 54 32.21 0.46 39.94
C SER K 54 31.15 -0.23 40.80
N GLY K 55 30.03 0.47 41.02
CA GLY K 55 28.96 -0.08 41.82
C GLY K 55 28.23 -1.23 41.17
N VAL K 56 27.52 -2.02 41.96
CA VAL K 56 26.81 -3.17 41.43
C VAL K 56 25.37 -2.79 41.13
N SER K 57 24.93 -3.06 39.89
CA SER K 57 23.56 -2.76 39.54
C SER K 57 22.63 -3.89 40.01
N LEU K 58 21.34 -3.72 39.70
CA LEU K 58 20.33 -4.64 40.24
C LEU K 58 20.40 -6.01 39.56
N ALA K 59 20.97 -6.09 38.37
CA ALA K 59 21.01 -7.37 37.65
C ALA K 59 21.91 -8.38 38.36
N ALA K 60 23.16 -7.99 38.61
CA ALA K 60 24.08 -8.87 39.32
C ALA K 60 23.64 -9.10 40.75
N LEU K 61 23.01 -8.10 41.37
CA LEU K 61 22.48 -8.28 42.71
C LEU K 61 21.36 -9.32 42.74
N LYS K 62 20.41 -9.23 41.81
CA LYS K 62 19.28 -10.16 41.83
C LYS K 62 19.73 -11.57 41.45
N LYS K 63 20.75 -11.69 40.60
CA LYS K 63 21.25 -13.03 40.29
C LYS K 63 22.13 -13.57 41.41
N ALA K 64 22.75 -12.68 42.20
CA ALA K 64 23.44 -13.14 43.40
C ALA K 64 22.45 -13.68 44.43
N LEU K 65 21.29 -13.02 44.56
CA LEU K 65 20.23 -13.57 45.41
C LEU K 65 19.65 -14.87 44.84
N ALA K 66 19.55 -14.96 43.52
CA ALA K 66 19.07 -16.20 42.90
C ALA K 66 20.05 -17.35 43.14
N ALA K 67 21.35 -17.07 43.08
CA ALA K 67 22.35 -18.08 43.43
C ALA K 67 22.30 -18.43 44.91
N ALA K 68 22.11 -17.43 45.77
CA ALA K 68 21.94 -17.70 47.20
C ALA K 68 20.60 -18.36 47.49
N GLY K 69 19.58 -18.05 46.70
CA GLY K 69 18.27 -18.64 46.88
C GLY K 69 17.26 -17.65 47.40
N TYR K 70 16.42 -17.12 46.51
CA TYR K 70 15.42 -16.12 46.88
C TYR K 70 14.36 -16.04 45.80
N ASP K 71 13.13 -15.76 46.22
CA ASP K 71 12.02 -15.54 45.30
C ASP K 71 12.10 -14.10 44.81
N VAL K 72 12.97 -13.89 43.82
CA VAL K 72 13.22 -12.55 43.31
C VAL K 72 12.03 -12.05 42.48
N GLU K 73 11.21 -12.96 41.96
CA GLU K 73 10.11 -12.55 41.12
C GLU K 73 8.95 -12.01 41.94
N LYS K 74 8.73 -12.55 43.13
CA LYS K 74 7.59 -12.20 43.97
C LYS K 74 7.98 -11.21 45.07
N ASN K 75 9.24 -10.78 45.11
CA ASN K 75 9.68 -9.86 46.15
C ASN K 75 10.36 -8.62 45.58
N ASN K 76 9.87 -8.10 44.45
CA ASN K 76 10.40 -6.85 43.92
C ASN K 76 10.13 -5.67 44.85
N SER K 77 8.93 -5.63 45.44
CA SER K 77 8.62 -4.57 46.38
C SER K 77 9.43 -4.71 47.67
N ARG K 78 9.68 -5.95 48.11
CA ARG K 78 10.47 -6.17 49.30
C ARG K 78 11.92 -5.74 49.10
N ILE K 79 12.50 -6.05 47.94
CA ILE K 79 13.87 -5.62 47.69
C ILE K 79 13.92 -4.13 47.40
N LYS K 80 12.83 -3.54 46.87
CA LYS K 80 12.79 -2.10 46.69
C LYS K 80 12.79 -1.37 48.04
N LEU K 81 11.97 -1.83 48.98
CA LEU K 81 11.98 -1.22 50.30
C LEU K 81 13.27 -1.50 51.05
N GLY K 82 13.89 -2.67 50.80
CA GLY K 82 15.19 -2.94 51.37
C GLY K 82 16.26 -2.00 50.84
N LEU K 83 16.23 -1.73 49.54
CA LEU K 83 17.17 -0.78 48.94
C LEU K 83 16.96 0.62 49.47
N LYS K 84 15.69 1.04 49.59
CA LYS K 84 15.39 2.36 50.15
C LYS K 84 15.89 2.46 51.59
N SER K 85 15.71 1.40 52.38
CA SER K 85 16.16 1.40 53.77
C SER K 85 17.68 1.46 53.86
N LEU K 86 18.39 0.70 53.02
CA LEU K 86 19.84 0.65 53.12
C LEU K 86 20.50 1.91 52.58
N VAL K 87 19.91 2.53 51.54
CA VAL K 87 20.43 3.81 51.08
C VAL K 87 20.13 4.91 52.09
N SER K 88 18.93 4.91 52.66
CA SER K 88 18.48 6.04 53.47
C SER K 88 19.19 6.10 54.82
N LYS K 89 19.47 4.95 55.43
CA LYS K 89 20.02 4.96 56.78
C LYS K 89 21.51 5.31 56.79
N GLY K 90 22.20 5.16 55.67
CA GLY K 90 23.56 5.63 55.54
C GLY K 90 24.64 4.58 55.66
N THR K 91 24.30 3.31 55.83
CA THR K 91 25.31 2.27 55.82
C THR K 91 25.92 2.07 54.43
N LEU K 92 25.10 2.07 53.39
CA LEU K 92 25.57 1.83 52.04
C LEU K 92 25.41 3.10 51.22
N VAL K 93 26.35 3.31 50.29
CA VAL K 93 26.41 4.53 49.49
C VAL K 93 26.16 4.16 48.03
N GLN K 94 25.54 5.07 47.29
CA GLN K 94 25.24 4.86 45.88
C GLN K 94 26.37 5.41 45.04
N THR K 95 26.80 4.63 44.05
CA THR K 95 27.96 5.01 43.26
C THR K 95 27.64 6.15 42.31
N LYS K 96 26.77 5.91 41.34
CA LYS K 96 26.51 6.91 40.30
C LYS K 96 25.01 7.11 40.06
N GLY K 97 24.18 6.15 40.45
CA GLY K 97 22.75 6.23 40.21
C GLY K 97 22.04 7.19 41.14
N THR K 98 20.72 7.24 40.98
CA THR K 98 19.85 8.09 41.79
C THR K 98 18.73 7.25 42.38
N GLY K 99 18.58 7.33 43.70
CA GLY K 99 17.55 6.54 44.38
C GLY K 99 17.89 5.07 44.32
N ALA K 100 16.87 4.23 44.15
CA ALA K 100 17.09 2.81 43.94
C ALA K 100 17.54 2.49 42.52
N SER K 101 17.50 3.45 41.61
CA SER K 101 18.04 3.28 40.28
C SER K 101 19.56 3.44 40.30
N GLY K 102 20.22 2.70 39.43
CA GLY K 102 21.66 2.81 39.32
C GLY K 102 22.40 1.64 39.94
N SER K 103 23.58 1.97 40.47
CA SER K 103 24.49 0.96 40.99
C SER K 103 25.07 1.40 42.32
N PHE K 104 25.48 0.42 43.12
CA PHE K 104 25.71 0.62 44.55
C PHE K 104 27.03 -0.01 44.97
N LYS K 105 27.77 0.69 45.82
CA LYS K 105 29.01 0.19 46.40
C LYS K 105 28.97 0.32 47.92
N LEU K 106 30.00 -0.19 48.57
CA LEU K 106 30.11 -0.05 50.03
C LEU K 106 30.64 1.33 50.39
N ASN K 107 30.36 1.74 51.63
CA ASN K 107 30.82 3.02 52.14
C ASN K 107 32.33 3.03 52.42
N LYS K 108 32.80 4.17 52.92
CA LYS K 108 34.22 4.33 53.23
C LYS K 108 34.68 3.43 54.37
N LYS K 109 33.89 3.31 55.43
CA LYS K 109 34.19 2.40 56.54
C LYS K 109 32.97 1.59 56.93
#